data_4WBH
#
_entry.id   4WBH
#
_cell.length_a   72.702
_cell.length_b   175.433
_cell.length_c   60.764
_cell.angle_alpha   90.00
_cell.angle_beta   90.00
_cell.angle_gamma   90.00
#
_symmetry.space_group_name_H-M   'P 21 21 2'
#
loop_
_entity.id
_entity.type
_entity.pdbx_description
1 polymer 'Protein notum homolog'
2 non-polymer 'CHLORIDE ION'
3 non-polymer 2-acetamido-2-deoxy-beta-D-glucopyranose
4 non-polymer 'SULFATE ION'
5 water water
#
_entity_poly.entity_id   1
_entity_poly.type   'polypeptide(L)'
_entity_poly.pdbx_seq_one_letter_code
;ETGRTEAAPAAGQPVESFPLDFTAVEGNMDSFMAQVKSLAQSLYPCSAQQLNEDLRLHLLLNTSVTCNDGSPAGYYLKES
RGSRRWLLFLEGGWYCFNRENCDSRYDTMRRLMSSRDWPRTRTGTGILSSQPEENPYWWNANMVFIPYCSSDVWSGASSK
SEKNEYAFMGALIIQEVVRELLGRGLSGAKVLLLAGSSAGGTGVLLNVDRVAEQLEKLGYPAIQVRGLADSGWFLDNKQY
RHTDCVDTITCAPTEAIRRGIRYWNGVVPERCRRQFQEGEEWNCFFGYKVYPTLRCPVFVVQWLFDEAQLTVDNVHLTGQ
PVQEGLRLYIQNLGRELRHTLKDVPASFAPACLSHEIIIRSHWTDVQVKGTSLPRALHCWDRSLHDSHKASKTPLKGCPV
HLVDSCPWPHCNPSCPTVRDQFTGQEMNVAQFLMHMGFDMQTVAQPQGLEPSELLGMLSNGSGTKHHHHHH
;
_entity_poly.pdbx_strand_id   A,B
#
# COMPACT_ATOMS: atom_id res chain seq x y z
N ASN A 52 -7.70 -17.95 7.47
CA ASN A 52 -7.00 -16.64 7.60
C ASN A 52 -7.93 -15.52 8.09
N GLU A 53 -7.38 -14.62 8.91
CA GLU A 53 -8.17 -13.60 9.61
C GLU A 53 -8.22 -12.24 8.93
N ASP A 54 -7.42 -12.04 7.88
CA ASP A 54 -7.37 -10.73 7.19
C ASP A 54 -8.71 -10.32 6.57
N LEU A 55 -9.06 -9.05 6.69
CA LEU A 55 -10.17 -8.49 5.91
C LEU A 55 -9.71 -8.37 4.47
N ARG A 56 -10.53 -8.78 3.49
CA ARG A 56 -10.15 -8.71 2.07
C ARG A 56 -10.84 -7.56 1.35
N LEU A 57 -10.10 -6.88 0.49
CA LEU A 57 -10.60 -5.71 -0.22
C LEU A 57 -11.55 -6.06 -1.34
N HIS A 58 -12.72 -5.40 -1.35
CA HIS A 58 -13.60 -5.42 -2.51
C HIS A 58 -13.83 -3.99 -2.97
N LEU A 59 -13.52 -3.74 -4.24
CA LEU A 59 -13.75 -2.46 -4.83
C LEU A 59 -15.14 -2.50 -5.42
N LEU A 60 -15.86 -1.40 -5.30
CA LEU A 60 -17.28 -1.36 -5.65
C LEU A 60 -17.50 -1.66 -7.13
N LEU A 61 -18.49 -2.53 -7.39
CA LEU A 61 -18.83 -2.96 -8.75
C LEU A 61 -19.47 -1.83 -9.55
N ASN A 62 -20.41 -1.14 -8.91
CA ASN A 62 -21.07 0.04 -9.49
C ASN A 62 -20.05 1.13 -9.73
N THR A 63 -20.01 1.61 -10.96
CA THR A 63 -18.91 2.41 -11.48
C THR A 63 -18.97 3.90 -11.10
N SER A 64 -20.18 4.45 -10.97
CA SER A 64 -20.33 5.89 -10.76
C SER A 64 -19.96 6.39 -9.36
N VAL A 65 -19.83 5.46 -8.42
CA VAL A 65 -19.50 5.79 -7.03
C VAL A 65 -17.98 5.67 -6.84
N THR A 66 -17.34 6.80 -6.51
CA THR A 66 -15.87 6.87 -6.57
C THR A 66 -15.27 7.56 -5.36
N CYS A 67 -13.98 7.35 -5.17
CA CYS A 67 -13.14 8.18 -4.30
C CYS A 67 -13.02 9.61 -4.87
N ASN A 68 -12.31 10.48 -4.18
CA ASN A 68 -12.16 11.88 -4.62
C ASN A 68 -11.64 12.00 -6.08
N ASP A 69 -10.67 11.17 -6.43
CA ASP A 69 -9.98 11.31 -7.71
C ASP A 69 -10.60 10.48 -8.82
N GLY A 70 -11.80 9.95 -8.59
CA GLY A 70 -12.47 9.13 -9.62
C GLY A 70 -12.14 7.65 -9.58
N SER A 71 -11.12 7.25 -8.81
CA SER A 71 -10.83 5.83 -8.60
C SER A 71 -11.94 5.12 -7.81
N PRO A 72 -12.10 3.79 -8.00
CA PRO A 72 -13.25 3.17 -7.36
C PRO A 72 -13.13 3.16 -5.83
N ALA A 73 -14.24 3.45 -5.15
CA ALA A 73 -14.32 3.27 -3.70
C ALA A 73 -14.46 1.79 -3.38
N GLY A 74 -14.48 1.44 -2.10
CA GLY A 74 -14.60 0.04 -1.71
C GLY A 74 -14.76 -0.23 -0.22
N TYR A 75 -14.60 -1.48 0.15
CA TYR A 75 -14.72 -1.93 1.55
C TYR A 75 -13.90 -3.20 1.74
N TYR A 76 -13.45 -3.43 2.97
CA TYR A 76 -12.71 -4.63 3.32
C TYR A 76 -13.69 -5.48 4.11
N LEU A 77 -13.68 -6.79 3.90
CA LEU A 77 -14.60 -7.68 4.60
C LEU A 77 -13.92 -8.95 5.12
N LYS A 78 -14.22 -9.32 6.35
CA LYS A 78 -13.96 -10.68 6.84
C LYS A 78 -15.28 -11.28 7.32
N GLU A 79 -15.77 -12.26 6.57
CA GLU A 79 -16.97 -12.99 6.93
C GLU A 79 -16.72 -13.89 8.14
N SER A 80 -17.74 -14.00 8.98
CA SER A 80 -17.76 -14.95 10.07
C SER A 80 -19.06 -15.72 9.86
N ARG A 81 -18.97 -16.87 9.20
CA ARG A 81 -20.15 -17.49 8.56
C ARG A 81 -21.15 -18.13 9.53
N GLY A 82 -20.79 -18.19 10.81
CA GLY A 82 -21.75 -18.53 11.87
C GLY A 82 -22.38 -17.32 12.57
N SER A 83 -21.75 -16.15 12.46
CA SER A 83 -22.21 -14.97 13.21
C SER A 83 -23.29 -14.14 12.51
N ARG A 84 -24.12 -13.50 13.30
CA ARG A 84 -25.13 -12.59 12.77
C ARG A 84 -24.90 -11.16 13.28
N ARG A 85 -23.74 -10.94 13.92
CA ARG A 85 -23.29 -9.60 14.30
C ARG A 85 -22.46 -9.00 13.13
N TRP A 86 -22.77 -7.75 12.77
CA TRP A 86 -22.05 -7.03 11.71
C TRP A 86 -21.47 -5.71 12.21
N LEU A 87 -20.15 -5.59 12.11
CA LEU A 87 -19.47 -4.37 12.51
C LEU A 87 -18.95 -3.63 11.26
N LEU A 88 -19.53 -2.47 10.98
CA LEU A 88 -19.13 -1.69 9.81
C LEU A 88 -18.43 -0.43 10.21
N PHE A 89 -17.13 -0.37 9.92
CA PHE A 89 -16.31 0.74 10.39
C PHE A 89 -16.01 1.76 9.31
N LEU A 90 -16.24 3.03 9.66
CA LEU A 90 -15.94 4.18 8.81
C LEU A 90 -14.66 4.83 9.25
N GLU A 91 -13.65 4.80 8.39
CA GLU A 91 -12.40 5.48 8.70
C GLU A 91 -12.59 7.01 8.79
N GLY A 92 -11.75 7.67 9.60
CA GLY A 92 -11.70 9.13 9.68
C GLY A 92 -10.45 9.72 9.03
N GLY A 93 -10.14 10.97 9.38
CA GLY A 93 -8.93 11.64 8.86
C GLY A 93 -9.23 12.99 8.23
N TRP A 94 -9.86 13.87 8.99
CA TRP A 94 -10.18 15.22 8.55
C TRP A 94 -11.11 15.30 7.33
N TYR A 95 -10.83 16.25 6.44
CA TYR A 95 -11.70 16.62 5.33
C TYR A 95 -10.99 17.76 4.59
N CYS A 96 -11.52 18.15 3.44
CA CYS A 96 -11.08 19.38 2.79
C CYS A 96 -12.29 20.08 2.18
N PHE A 97 -12.33 21.42 2.33
CA PHE A 97 -13.53 22.22 2.01
C PHE A 97 -13.41 23.30 0.92
N ASN A 98 -12.25 23.35 0.24
CA ASN A 98 -12.07 24.14 -0.99
C ASN A 98 -10.98 23.52 -1.86
N ARG A 99 -10.77 24.05 -3.06
CA ARG A 99 -9.83 23.43 -4.00
C ARG A 99 -8.38 23.44 -3.53
N GLU A 100 -7.89 24.58 -3.06
CA GLU A 100 -6.51 24.65 -2.60
C GLU A 100 -6.23 23.69 -1.44
N ASN A 101 -7.15 23.61 -0.47
CA ASN A 101 -6.98 22.68 0.64
C ASN A 101 -6.98 21.22 0.18
N CYS A 102 -7.91 20.89 -0.72
CA CYS A 102 -8.02 19.53 -1.29
C CYS A 102 -6.80 19.14 -2.12
N ASP A 103 -6.30 20.07 -2.93
CA ASP A 103 -5.08 19.88 -3.70
C ASP A 103 -3.87 19.65 -2.79
N SER A 104 -3.88 20.28 -1.62
CA SER A 104 -2.80 20.12 -0.63
C SER A 104 -2.86 18.73 0.02
N ARG A 105 -4.07 18.32 0.38
CA ARG A 105 -4.35 17.01 0.90
C ARG A 105 -4.00 15.93 -0.13
N TYR A 106 -4.23 16.20 -1.41
CA TYR A 106 -3.85 15.28 -2.47
C TYR A 106 -2.34 15.00 -2.53
N ASP A 107 -1.54 16.07 -2.43
CA ASP A 107 -0.08 15.95 -2.48
C ASP A 107 0.52 15.24 -1.27
N THR A 108 -0.11 15.41 -0.11
CA THR A 108 0.47 14.94 1.17
C THR A 108 -0.23 13.73 1.81
N MET A 109 -1.51 13.54 1.48
CA MET A 109 -2.34 12.51 2.11
C MET A 109 -3.19 11.82 1.05
N ARG A 110 -2.56 11.48 -0.08
CA ARG A 110 -3.25 10.86 -1.23
C ARG A 110 -4.05 9.60 -0.91
N ARG A 111 -3.56 8.80 0.05
CA ARG A 111 -4.29 7.63 0.55
C ARG A 111 -5.74 7.98 0.87
N LEU A 112 -5.94 9.14 1.48
CA LEU A 112 -7.26 9.60 1.90
C LEU A 112 -8.08 10.23 0.79
N MET A 113 -7.61 10.11 -0.47
CA MET A 113 -8.35 10.67 -1.62
C MET A 113 -8.43 9.74 -2.83
N SER A 114 -7.86 8.54 -2.68
CA SER A 114 -7.67 7.65 -3.81
C SER A 114 -7.56 6.22 -3.34
N SER A 115 -8.06 5.28 -4.14
CA SER A 115 -7.87 3.86 -3.83
C SER A 115 -6.64 3.25 -4.49
N ARG A 116 -5.89 4.05 -5.23
CA ARG A 116 -4.83 3.55 -6.10
C ARG A 116 -3.89 2.58 -5.39
N ASP A 117 -3.49 2.92 -4.17
CA ASP A 117 -2.51 2.11 -3.45
C ASP A 117 -3.07 1.41 -2.21
N TRP A 118 -4.38 1.15 -2.19
CA TRP A 118 -4.98 0.36 -1.10
C TRP A 118 -4.54 -1.10 -1.11
N PRO A 119 -4.08 -1.60 0.03
CA PRO A 119 -3.64 -2.99 0.04
C PRO A 119 -4.83 -3.93 -0.17
N ARG A 120 -4.57 -5.15 -0.67
CA ARG A 120 -5.65 -6.07 -0.98
C ARG A 120 -6.27 -6.71 0.27
N THR A 121 -5.57 -6.60 1.39
CA THR A 121 -6.04 -7.09 2.69
C THR A 121 -5.65 -6.10 3.78
N ARG A 122 -6.24 -6.29 4.95
CA ARG A 122 -6.00 -5.44 6.10
CA ARG A 122 -6.03 -5.43 6.10
C ARG A 122 -6.23 -6.25 7.38
N THR A 123 -5.38 -6.05 8.37
CA THR A 123 -5.56 -6.72 9.65
C THR A 123 -6.55 -5.93 10.51
N GLY A 124 -7.60 -6.59 10.97
CA GLY A 124 -8.53 -5.97 11.89
C GLY A 124 -7.87 -5.74 13.23
N THR A 125 -8.09 -4.55 13.79
CA THR A 125 -7.54 -4.17 15.08
C THR A 125 -8.63 -3.54 15.95
N GLY A 126 -8.37 -3.48 17.25
CA GLY A 126 -9.34 -3.03 18.23
C GLY A 126 -10.64 -3.78 18.07
N ILE A 127 -11.72 -3.01 17.92
CA ILE A 127 -13.05 -3.59 17.72
C ILE A 127 -13.18 -4.42 16.43
N LEU A 128 -12.25 -4.27 15.49
CA LEU A 128 -12.30 -5.07 14.25
C LEU A 128 -11.41 -6.32 14.34
N SER A 129 -10.76 -6.52 15.48
CA SER A 129 -9.89 -7.66 15.64
C SER A 129 -10.66 -8.95 15.88
N SER A 130 -10.21 -10.03 15.25
CA SER A 130 -10.72 -11.37 15.50
C SER A 130 -10.00 -12.06 16.67
N GLN A 131 -9.06 -11.40 17.32
CA GLN A 131 -8.38 -12.01 18.47
C GLN A 131 -9.18 -11.82 19.78
N PRO A 132 -9.61 -12.94 20.39
CA PRO A 132 -10.43 -12.88 21.59
C PRO A 132 -9.85 -11.94 22.63
N GLU A 133 -8.53 -11.94 22.77
CA GLU A 133 -7.82 -11.15 23.77
C GLU A 133 -7.82 -9.64 23.46
N GLU A 134 -7.88 -9.30 22.18
CA GLU A 134 -7.94 -7.89 21.76
C GLU A 134 -9.39 -7.40 21.69
N ASN A 135 -10.33 -8.32 21.55
CA ASN A 135 -11.72 -7.98 21.27
C ASN A 135 -12.60 -9.03 21.94
N PRO A 136 -12.72 -8.94 23.27
CA PRO A 136 -13.25 -10.10 24.03
C PRO A 136 -14.68 -10.46 23.68
N TYR A 137 -15.49 -9.43 23.39
CA TYR A 137 -16.92 -9.63 23.19
C TYR A 137 -17.32 -9.84 21.74
N TRP A 138 -16.67 -9.13 20.81
CA TRP A 138 -17.13 -9.09 19.42
C TRP A 138 -16.20 -9.74 18.36
N TRP A 139 -15.14 -10.41 18.80
CA TRP A 139 -14.13 -10.98 17.90
C TRP A 139 -14.71 -11.87 16.81
N ASN A 140 -15.88 -12.44 17.06
CA ASN A 140 -16.47 -13.42 16.13
C ASN A 140 -17.43 -12.79 15.13
N ALA A 141 -17.57 -11.47 15.17
CA ALA A 141 -18.44 -10.72 14.25
C ALA A 141 -17.95 -10.71 12.78
N ASN A 142 -18.87 -10.42 11.86
CA ASN A 142 -18.49 -10.11 10.50
C ASN A 142 -17.89 -8.71 10.53
N MET A 143 -16.70 -8.57 9.98
CA MET A 143 -15.92 -7.35 10.13
C MET A 143 -15.85 -6.60 8.81
N VAL A 144 -16.25 -5.33 8.82
CA VAL A 144 -16.18 -4.47 7.64
C VAL A 144 -15.47 -3.15 7.95
N PHE A 145 -14.48 -2.83 7.10
CA PHE A 145 -13.71 -1.61 7.20
C PHE A 145 -13.93 -0.83 5.90
N ILE A 146 -14.47 0.37 6.04
CA ILE A 146 -14.72 1.21 4.87
C ILE A 146 -13.74 2.38 4.90
N PRO A 147 -12.74 2.33 4.00
CA PRO A 147 -11.75 3.40 3.84
C PRO A 147 -12.37 4.74 3.46
N TYR A 148 -11.81 5.80 4.01
CA TYR A 148 -12.33 7.14 3.87
C TYR A 148 -11.58 7.79 2.72
N CYS A 149 -12.22 7.87 1.57
CA CYS A 149 -11.54 8.47 0.41
C CYS A 149 -12.34 9.60 -0.24
N SER A 150 -13.21 10.25 0.54
CA SER A 150 -14.15 11.26 0.02
C SER A 150 -13.98 12.64 0.68
N SER A 151 -13.21 12.73 1.75
CA SER A 151 -12.85 14.02 2.37
C SER A 151 -14.05 14.93 2.72
N ASP A 152 -15.21 14.31 2.95
CA ASP A 152 -16.48 15.04 3.08
C ASP A 152 -17.24 14.63 4.34
N VAL A 153 -16.53 14.08 5.33
CA VAL A 153 -17.14 13.57 6.60
C VAL A 153 -18.29 12.61 6.26
N TRP A 154 -18.13 11.90 5.15
CA TRP A 154 -19.13 10.96 4.64
C TRP A 154 -20.50 11.62 4.35
N SER A 155 -20.51 12.92 4.01
CA SER A 155 -21.77 13.62 3.73
C SER A 155 -22.17 13.73 2.25
N GLY A 156 -21.20 13.63 1.34
CA GLY A 156 -21.46 13.91 -0.08
C GLY A 156 -22.43 12.95 -0.73
N ALA A 157 -23.38 13.47 -1.48
CA ALA A 157 -24.48 12.64 -1.99
C ALA A 157 -24.85 12.83 -3.46
N SER A 158 -24.08 13.61 -4.21
CA SER A 158 -24.36 13.78 -5.63
C SER A 158 -23.45 12.90 -6.47
N SER A 159 -24.05 12.17 -7.41
CA SER A 159 -23.36 11.10 -8.15
C SER A 159 -22.56 11.55 -9.37
N LYS A 160 -22.63 12.84 -9.71
CA LYS A 160 -21.81 13.39 -10.78
C LYS A 160 -20.85 14.45 -10.26
N SER A 161 -19.85 14.78 -11.08
CA SER A 161 -18.74 15.64 -10.67
C SER A 161 -18.55 16.83 -11.61
N GLU A 165 -14.17 17.80 -11.71
CA GLU A 165 -13.25 18.09 -10.62
C GLU A 165 -13.19 16.91 -9.60
N TYR A 166 -12.97 17.21 -8.32
CA TYR A 166 -13.01 16.20 -7.24
C TYR A 166 -14.44 15.73 -6.96
N ALA A 167 -14.64 14.41 -6.91
CA ALA A 167 -15.94 13.82 -6.55
C ALA A 167 -16.11 13.68 -5.02
N PHE A 168 -17.32 13.96 -4.54
CA PHE A 168 -17.62 13.90 -3.10
C PHE A 168 -18.83 13.00 -2.84
N MET A 169 -18.58 11.76 -2.45
CA MET A 169 -19.62 10.73 -2.52
C MET A 169 -19.74 9.86 -1.25
N GLY A 170 -19.31 10.42 -0.13
CA GLY A 170 -19.25 9.70 1.15
C GLY A 170 -20.54 8.96 1.49
N ALA A 171 -21.68 9.64 1.39
CA ALA A 171 -22.98 9.04 1.68
C ALA A 171 -23.34 7.91 0.71
N LEU A 172 -22.96 8.07 -0.56
CA LEU A 172 -23.32 7.07 -1.55
C LEU A 172 -22.44 5.80 -1.45
N ILE A 173 -21.18 5.99 -1.09
CA ILE A 173 -20.25 4.89 -0.79
C ILE A 173 -20.85 3.96 0.29
N ILE A 174 -21.33 4.55 1.40
CA ILE A 174 -21.97 3.77 2.45
C ILE A 174 -23.17 2.97 1.94
N GLN A 175 -24.13 3.67 1.32
CA GLN A 175 -25.29 3.06 0.70
C GLN A 175 -24.89 1.89 -0.21
N GLU A 176 -23.85 2.11 -1.00
CA GLU A 176 -23.41 1.14 -1.97
C GLU A 176 -22.68 -0.04 -1.29
N VAL A 177 -21.98 0.21 -0.19
CA VAL A 177 -21.36 -0.87 0.60
C VAL A 177 -22.45 -1.73 1.22
N VAL A 178 -23.44 -1.07 1.80
CA VAL A 178 -24.58 -1.78 2.37
C VAL A 178 -25.28 -2.67 1.34
N ARG A 179 -25.55 -2.12 0.16
CA ARG A 179 -26.17 -2.86 -0.94
C ARG A 179 -25.40 -4.16 -1.25
N GLU A 180 -24.10 -4.06 -1.43
CA GLU A 180 -23.31 -5.23 -1.78
C GLU A 180 -23.30 -6.27 -0.67
N LEU A 181 -23.19 -5.79 0.57
CA LEU A 181 -23.13 -6.68 1.75
C LEU A 181 -24.37 -7.53 1.93
N LEU A 182 -25.52 -7.01 1.49
CA LEU A 182 -26.74 -7.78 1.57
C LEU A 182 -26.58 -9.14 0.89
N GLY A 183 -25.88 -9.13 -0.24
CA GLY A 183 -25.61 -10.34 -1.01
C GLY A 183 -24.46 -11.15 -0.45
N ARG A 184 -24.00 -10.79 0.74
CA ARG A 184 -22.85 -11.45 1.34
C ARG A 184 -23.10 -11.77 2.80
N GLY A 185 -24.38 -11.87 3.16
CA GLY A 185 -24.76 -12.21 4.51
C GLY A 185 -25.48 -11.15 5.32
N LEU A 186 -25.33 -9.87 4.94
CA LEU A 186 -25.98 -8.77 5.71
C LEU A 186 -27.52 -8.98 5.85
N SER A 187 -28.13 -9.59 4.85
CA SER A 187 -29.57 -9.83 4.87
C SER A 187 -29.97 -10.76 6.02
N GLY A 188 -29.03 -11.53 6.55
CA GLY A 188 -29.32 -12.41 7.69
C GLY A 188 -28.97 -11.85 9.06
N ALA A 189 -28.46 -10.62 9.09
CA ALA A 189 -27.97 -10.01 10.33
C ALA A 189 -29.05 -9.85 11.42
N LYS A 190 -28.63 -9.96 12.68
CA LYS A 190 -29.46 -9.53 13.81
C LYS A 190 -29.15 -8.08 14.14
N VAL A 191 -27.85 -7.74 14.12
CA VAL A 191 -27.37 -6.41 14.49
C VAL A 191 -26.35 -5.91 13.48
N LEU A 192 -26.56 -4.68 13.01
CA LEU A 192 -25.58 -4.00 12.18
C LEU A 192 -25.15 -2.81 13.00
N LEU A 193 -23.89 -2.82 13.42
CA LEU A 193 -23.33 -1.70 14.15
C LEU A 193 -22.45 -0.85 13.21
N LEU A 194 -22.97 0.32 12.82
CA LEU A 194 -22.22 1.32 12.08
C LEU A 194 -21.28 2.05 13.04
N ALA A 195 -19.99 1.78 12.92
CA ALA A 195 -19.00 2.36 13.82
C ALA A 195 -18.09 3.31 13.04
N GLY A 196 -17.31 4.13 13.73
CA GLY A 196 -16.41 5.07 13.04
C GLY A 196 -15.56 5.92 13.99
N SER A 197 -14.38 6.30 13.53
CA SER A 197 -13.46 7.11 14.32
C SER A 197 -13.26 8.47 13.69
N SER A 198 -13.34 9.52 14.52
CA SER A 198 -13.22 10.93 14.14
C SER A 198 -14.19 11.34 13.04
N ALA A 199 -13.68 11.67 11.85
CA ALA A 199 -14.55 12.05 10.73
C ALA A 199 -15.53 10.90 10.42
N GLY A 200 -15.06 9.67 10.65
CA GLY A 200 -15.90 8.48 10.56
C GLY A 200 -16.94 8.46 11.67
N GLY A 201 -16.53 8.90 12.87
CA GLY A 201 -17.44 9.01 14.00
C GLY A 201 -18.58 10.00 13.73
N THR A 202 -18.24 11.16 13.18
CA THR A 202 -19.26 12.10 12.70
C THR A 202 -20.02 11.51 11.49
N GLY A 203 -19.36 10.64 10.71
CA GLY A 203 -20.02 9.95 9.60
C GLY A 203 -21.13 9.05 10.08
N VAL A 204 -20.93 8.44 11.26
CA VAL A 204 -21.94 7.60 11.89
C VAL A 204 -23.20 8.40 12.20
N LEU A 205 -23.06 9.49 12.94
CA LEU A 205 -24.24 10.33 13.26
C LEU A 205 -24.92 10.84 12.01
N LEU A 206 -24.17 11.07 10.93
CA LEU A 206 -24.77 11.54 9.68
C LEU A 206 -25.50 10.47 8.85
N ASN A 207 -25.15 9.20 9.06
CA ASN A 207 -25.60 8.15 8.14
C ASN A 207 -26.42 7.03 8.78
N VAL A 208 -26.34 6.90 10.09
CA VAL A 208 -26.92 5.72 10.76
C VAL A 208 -28.42 5.53 10.46
N ASP A 209 -29.20 6.62 10.54
CA ASP A 209 -30.63 6.59 10.22
C ASP A 209 -30.91 6.40 8.72
N ARG A 210 -30.08 6.96 7.87
CA ARG A 210 -30.18 6.71 6.44
C ARG A 210 -29.96 5.20 6.14
N VAL A 211 -29.00 4.58 6.80
CA VAL A 211 -28.76 3.14 6.62
C VAL A 211 -29.95 2.31 7.13
N ALA A 212 -30.44 2.63 8.34
CA ALA A 212 -31.65 1.97 8.86
C ALA A 212 -32.81 2.05 7.86
N GLU A 213 -32.99 3.20 7.22
CA GLU A 213 -34.10 3.40 6.30
C GLU A 213 -33.85 2.79 4.93
N GLN A 214 -32.60 2.75 4.50
CA GLN A 214 -32.24 2.04 3.27
C GLN A 214 -32.60 0.56 3.44
N LEU A 215 -32.20 -0.03 4.55
CA LEU A 215 -32.49 -1.43 4.81
C LEU A 215 -33.98 -1.74 4.83
N GLU A 216 -34.77 -0.88 5.44
CA GLU A 216 -36.20 -1.17 5.56
C GLU A 216 -36.93 -0.97 4.24
N LYS A 217 -36.48 0.00 3.45
CA LYS A 217 -36.98 0.23 2.09
C LYS A 217 -36.58 -0.95 1.19
N LEU A 218 -35.42 -1.54 1.45
CA LEU A 218 -34.99 -2.70 0.69
C LEU A 218 -35.69 -3.98 1.15
N GLY A 219 -36.42 -3.88 2.25
CA GLY A 219 -37.26 -4.97 2.71
C GLY A 219 -36.61 -5.89 3.73
N TYR A 220 -35.64 -5.36 4.47
CA TYR A 220 -34.97 -6.11 5.53
C TYR A 220 -35.13 -5.37 6.87
N PRO A 221 -36.37 -5.33 7.40
CA PRO A 221 -36.65 -4.46 8.54
C PRO A 221 -36.25 -5.07 9.89
N ALA A 222 -35.93 -6.36 9.90
CA ALA A 222 -35.55 -7.07 11.11
C ALA A 222 -34.12 -6.75 11.59
N ILE A 223 -33.26 -6.32 10.68
CA ILE A 223 -31.90 -5.96 11.04
C ILE A 223 -31.96 -4.80 12.01
N GLN A 224 -31.34 -4.96 13.18
CA GLN A 224 -31.27 -3.85 14.12
C GLN A 224 -30.03 -3.02 13.86
N VAL A 225 -30.25 -1.74 13.59
CA VAL A 225 -29.20 -0.82 13.22
C VAL A 225 -28.85 0.07 14.40
N ARG A 226 -27.57 0.09 14.75
CA ARG A 226 -27.04 0.90 15.82
C ARG A 226 -25.78 1.60 15.34
N GLY A 227 -25.41 2.64 16.07
CA GLY A 227 -24.25 3.44 15.77
C GLY A 227 -23.28 3.48 16.93
N LEU A 228 -21.99 3.52 16.59
CA LEU A 228 -20.92 3.74 17.56
C LEU A 228 -20.02 4.86 17.04
N ALA A 229 -20.12 6.05 17.64
CA ALA A 229 -19.35 7.19 17.17
C ALA A 229 -18.18 7.46 18.11
N ASP A 230 -16.97 7.36 17.56
CA ASP A 230 -15.74 7.48 18.34
C ASP A 230 -15.02 8.74 17.90
N SER A 231 -14.81 9.68 18.83
CA SER A 231 -14.13 10.96 18.54
C SER A 231 -14.75 11.75 17.38
N GLY A 232 -16.06 11.66 17.18
CA GLY A 232 -16.73 12.51 16.20
C GLY A 232 -17.77 13.43 16.84
N TRP A 233 -17.60 13.71 18.13
CA TRP A 233 -18.56 14.50 18.90
C TRP A 233 -17.87 15.81 19.26
N PHE A 234 -18.08 16.83 18.44
CA PHE A 234 -17.40 18.11 18.60
C PHE A 234 -18.34 19.22 19.00
N LEU A 235 -17.74 20.31 19.49
CA LEU A 235 -18.47 21.51 19.84
C LEU A 235 -18.24 22.61 18.82
N ASP A 236 -19.31 23.31 18.45
CA ASP A 236 -19.20 24.47 17.58
C ASP A 236 -19.01 25.70 18.49
N ASN A 237 -17.84 25.76 19.10
CA ASN A 237 -17.55 26.74 20.15
C ASN A 237 -16.62 27.86 19.71
N LYS A 238 -16.43 28.84 20.58
CA LYS A 238 -15.47 29.91 20.35
C LYS A 238 -14.05 29.33 20.46
N GLN A 239 -13.20 29.66 19.48
CA GLN A 239 -11.77 29.32 19.54
C GLN A 239 -11.09 29.95 20.76
N TYR A 240 -9.98 29.35 21.21
CA TYR A 240 -9.22 29.91 22.33
C TYR A 240 -8.71 31.29 21.96
N ARG A 241 -7.74 31.34 21.04
CA ARG A 241 -7.37 32.58 20.38
C ARG A 241 -7.89 32.46 18.96
N HIS A 242 -8.48 33.55 18.46
CA HIS A 242 -9.11 33.55 17.15
C HIS A 242 -8.10 33.49 16.01
N THR A 243 -8.54 32.91 14.89
CA THR A 243 -7.76 32.86 13.66
C THR A 243 -8.69 32.79 12.45
N ASP A 244 -8.17 33.15 11.27
CA ASP A 244 -8.97 33.10 10.05
C ASP A 244 -9.03 31.68 9.49
N CYS A 245 -10.06 31.40 8.68
CA CYS A 245 -10.21 30.11 8.03
C CYS A 245 -9.30 30.00 6.81
N VAL A 246 -8.10 29.48 7.05
CA VAL A 246 -7.14 29.25 5.99
C VAL A 246 -6.93 27.74 5.81
N ASP A 247 -6.30 27.13 6.81
CA ASP A 247 -5.98 25.72 6.78
C ASP A 247 -7.16 24.82 7.15
N THR A 248 -6.98 23.52 6.95
CA THR A 248 -7.89 22.51 7.48
C THR A 248 -7.73 22.50 8.99
N ILE A 249 -6.47 22.49 9.42
CA ILE A 249 -6.07 22.32 10.81
C ILE A 249 -6.65 23.39 11.75
N THR A 250 -6.51 24.66 11.37
CA THR A 250 -6.87 25.78 12.27
C THR A 250 -8.31 26.28 12.21
N CYS A 251 -9.01 26.06 11.10
CA CYS A 251 -10.30 26.71 10.84
C CYS A 251 -11.39 26.37 11.88
N ALA A 252 -12.11 27.42 12.31
CA ALA A 252 -13.16 27.31 13.32
C ALA A 252 -14.19 26.22 12.95
N PRO A 253 -14.54 25.34 13.93
CA PRO A 253 -15.49 24.25 13.70
C PRO A 253 -16.70 24.68 12.85
N THR A 254 -17.37 25.76 13.26
CA THR A 254 -18.51 26.30 12.53
C THR A 254 -18.21 26.58 11.06
N GLU A 255 -17.16 27.36 10.82
CA GLU A 255 -16.84 27.87 9.47
C GLU A 255 -16.37 26.77 8.52
N ALA A 256 -15.65 25.79 9.05
CA ALA A 256 -15.21 24.63 8.28
C ALA A 256 -16.39 23.87 7.67
N ILE A 257 -17.41 23.61 8.50
CA ILE A 257 -18.57 22.86 8.03
C ILE A 257 -19.47 23.67 7.09
N ARG A 258 -19.74 24.91 7.47
CA ARG A 258 -20.43 25.84 6.56
C ARG A 258 -19.88 25.75 5.13
N ARG A 259 -18.56 25.94 4.97
CA ARG A 259 -17.92 25.88 3.65
C ARG A 259 -17.97 24.48 3.04
N GLY A 260 -17.54 23.48 3.83
CA GLY A 260 -17.55 22.08 3.40
C GLY A 260 -18.84 21.64 2.76
N ILE A 261 -19.95 21.87 3.46
CA ILE A 261 -21.25 21.38 3.02
C ILE A 261 -21.63 21.91 1.64
N ARG A 262 -21.39 23.20 1.41
CA ARG A 262 -21.59 23.81 0.11
C ARG A 262 -20.67 23.17 -0.92
N TYR A 263 -19.41 23.00 -0.53
CA TYR A 263 -18.40 22.48 -1.43
C TYR A 263 -18.65 21.01 -1.84
N TRP A 264 -19.14 20.19 -0.90
CA TRP A 264 -19.35 18.75 -1.18
C TRP A 264 -20.73 18.35 -1.74
N ASN A 265 -21.68 19.29 -1.77
CA ASN A 265 -23.11 18.94 -1.89
C ASN A 265 -23.55 17.97 -0.78
N GLY A 266 -23.16 18.30 0.46
CA GLY A 266 -23.37 17.41 1.60
C GLY A 266 -24.81 17.37 2.10
N VAL A 267 -25.27 16.17 2.43
CA VAL A 267 -26.57 15.95 3.02
C VAL A 267 -26.43 15.69 4.51
N VAL A 268 -27.42 16.14 5.28
CA VAL A 268 -27.44 15.87 6.71
C VAL A 268 -28.66 14.99 6.98
N PRO A 269 -28.71 14.31 8.14
CA PRO A 269 -29.89 13.46 8.34
C PRO A 269 -31.18 14.28 8.31
N GLU A 270 -32.19 13.73 7.65
CA GLU A 270 -33.47 14.38 7.44
C GLU A 270 -34.11 14.85 8.77
N ARG A 271 -33.99 14.03 9.81
CA ARG A 271 -34.55 14.34 11.14
C ARG A 271 -33.92 15.55 11.82
N CYS A 272 -32.63 15.74 11.63
CA CYS A 272 -31.95 16.91 12.16
C CYS A 272 -32.14 18.12 11.24
N ARG A 273 -32.09 17.87 9.93
CA ARG A 273 -32.22 18.91 8.90
C ARG A 273 -33.45 19.80 9.11
N ARG A 274 -34.60 19.19 9.37
CA ARG A 274 -35.87 19.91 9.52
C ARG A 274 -35.97 20.70 10.83
N GLN A 275 -35.03 20.50 11.75
CA GLN A 275 -34.99 21.26 13.00
C GLN A 275 -34.31 22.61 12.81
N PHE A 276 -33.68 22.82 11.66
CA PHE A 276 -33.00 24.09 11.36
C PHE A 276 -33.43 24.65 10.01
N GLN A 277 -33.26 25.96 9.84
CA GLN A 277 -33.62 26.63 8.60
C GLN A 277 -32.76 26.15 7.45
N GLU A 278 -33.29 26.27 6.24
CA GLU A 278 -32.56 25.95 5.02
C GLU A 278 -31.29 26.81 4.99
N GLY A 279 -30.16 26.19 4.67
CA GLY A 279 -28.87 26.90 4.68
C GLY A 279 -28.12 26.78 5.99
N GLU A 280 -28.79 26.34 7.06
CA GLU A 280 -28.15 26.09 8.35
C GLU A 280 -27.91 24.58 8.61
N GLU A 281 -27.70 23.84 7.53
CA GLU A 281 -27.51 22.38 7.64
C GLU A 281 -26.24 22.01 8.43
N TRP A 282 -25.32 22.95 8.51
CA TRP A 282 -24.05 22.76 9.22
C TRP A 282 -24.24 22.34 10.68
N ASN A 283 -25.32 22.82 11.32
CA ASN A 283 -25.63 22.46 12.71
C ASN A 283 -25.61 20.95 12.96
N CYS A 284 -26.03 20.20 11.96
CA CYS A 284 -26.18 18.74 12.08
C CYS A 284 -24.86 17.97 12.08
N PHE A 285 -23.74 18.65 11.80
CA PHE A 285 -22.42 18.02 11.90
C PHE A 285 -21.93 17.95 13.34
N PHE A 286 -22.67 18.60 14.25
CA PHE A 286 -22.30 18.68 15.67
C PHE A 286 -23.18 17.79 16.56
N GLY A 287 -22.51 16.89 17.28
CA GLY A 287 -23.18 15.77 17.96
C GLY A 287 -24.35 16.13 18.85
N TYR A 288 -24.18 17.15 19.67
CA TYR A 288 -25.21 17.50 20.65
C TYR A 288 -26.47 18.07 20.00
N LYS A 289 -26.39 18.44 18.72
CA LYS A 289 -27.54 18.94 17.95
C LYS A 289 -28.24 17.86 17.14
N VAL A 290 -27.46 16.98 16.52
CA VAL A 290 -28.01 15.87 15.71
C VAL A 290 -28.52 14.73 16.59
N TYR A 291 -27.86 14.52 17.73
CA TYR A 291 -28.14 13.35 18.56
C TYR A 291 -29.58 13.23 19.03
N PRO A 292 -30.18 14.35 19.54
CA PRO A 292 -31.55 14.26 20.08
C PRO A 292 -32.56 13.78 19.04
N THR A 293 -32.30 14.07 17.78
CA THR A 293 -33.16 13.70 16.66
C THR A 293 -33.05 12.22 16.25
N LEU A 294 -31.98 11.54 16.68
CA LEU A 294 -31.66 10.20 16.16
C LEU A 294 -32.73 9.15 16.46
N ARG A 295 -33.01 8.30 15.48
CA ARG A 295 -33.93 7.18 15.66
C ARG A 295 -33.17 5.95 16.19
N CYS A 296 -32.03 5.62 15.59
CA CYS A 296 -31.25 4.45 16.01
C CYS A 296 -30.47 4.74 17.30
N PRO A 297 -30.26 3.71 18.16
CA PRO A 297 -29.43 3.91 19.36
C PRO A 297 -27.98 4.09 18.97
N VAL A 298 -27.32 5.08 19.57
CA VAL A 298 -25.95 5.40 19.25
C VAL A 298 -25.15 5.57 20.53
N PHE A 299 -24.09 4.78 20.64
CA PHE A 299 -23.17 4.83 21.76
C PHE A 299 -22.10 5.83 21.40
N VAL A 300 -21.79 6.75 22.31
CA VAL A 300 -20.83 7.81 22.01
C VAL A 300 -19.55 7.61 22.82
N VAL A 301 -18.42 7.48 22.12
CA VAL A 301 -17.11 7.41 22.76
C VAL A 301 -16.41 8.73 22.46
N GLN A 302 -16.05 9.47 23.51
CA GLN A 302 -15.36 10.75 23.31
C GLN A 302 -14.41 11.12 24.45
N TRP A 303 -13.13 11.29 24.12
CA TRP A 303 -12.17 11.91 25.03
C TRP A 303 -12.67 13.32 25.37
N LEU A 304 -12.68 13.65 26.65
CA LEU A 304 -13.20 14.93 27.11
C LEU A 304 -12.32 16.08 26.62
N PHE A 305 -11.06 15.80 26.37
CA PHE A 305 -10.12 16.75 25.77
C PHE A 305 -9.57 16.16 24.47
N ASP A 306 -10.43 16.09 23.46
CA ASP A 306 -10.04 15.53 22.17
C ASP A 306 -9.04 16.47 21.49
N GLU A 307 -7.94 15.89 21.01
CA GLU A 307 -6.90 16.63 20.29
C GLU A 307 -7.45 17.40 19.08
N ALA A 308 -8.37 16.79 18.33
CA ALA A 308 -8.92 17.44 17.13
C ALA A 308 -9.78 18.63 17.51
N GLN A 309 -10.57 18.48 18.58
CA GLN A 309 -11.35 19.57 19.15
C GLN A 309 -10.43 20.75 19.48
N LEU A 310 -9.38 20.48 20.24
CA LEU A 310 -8.38 21.48 20.58
C LEU A 310 -7.72 22.10 19.35
N THR A 311 -7.38 21.26 18.36
CA THR A 311 -6.78 21.76 17.13
C THR A 311 -7.64 22.82 16.44
N VAL A 312 -8.90 22.49 16.13
CA VAL A 312 -9.79 23.46 15.49
C VAL A 312 -10.12 24.63 16.42
N ASP A 313 -9.97 24.42 17.72
CA ASP A 313 -10.17 25.47 18.70
C ASP A 313 -8.96 26.37 18.82
N ASN A 314 -7.89 25.99 18.11
CA ASN A 314 -6.67 26.78 17.96
C ASN A 314 -5.66 26.65 19.11
N VAL A 315 -5.86 25.63 19.94
CA VAL A 315 -4.94 25.37 21.05
C VAL A 315 -3.71 24.63 20.55
N HIS A 316 -2.54 25.23 20.74
CA HIS A 316 -1.26 24.59 20.43
C HIS A 316 -0.47 24.39 21.71
N LEU A 317 0.20 23.25 21.82
CA LEU A 317 0.95 22.89 23.03
C LEU A 317 2.42 22.59 22.76
N PRO A 321 5.00 23.87 28.75
CA PRO A 321 4.66 25.22 29.22
C PRO A 321 3.17 25.53 29.06
N VAL A 322 2.53 26.01 30.13
CA VAL A 322 1.08 26.21 30.14
C VAL A 322 0.71 27.64 30.55
N GLN A 323 0.02 28.36 29.65
CA GLN A 323 -0.53 29.68 29.97
C GLN A 323 -1.72 29.54 30.91
N GLU A 324 -1.89 30.52 31.79
CA GLU A 324 -2.95 30.46 32.82
C GLU A 324 -4.35 30.70 32.26
N GLY A 325 -4.46 31.56 31.25
CA GLY A 325 -5.71 31.74 30.52
C GLY A 325 -6.14 30.47 29.80
N LEU A 326 -5.16 29.71 29.32
CA LEU A 326 -5.38 28.47 28.59
C LEU A 326 -5.91 27.35 29.48
N ARG A 327 -5.42 27.29 30.72
CA ARG A 327 -5.85 26.31 31.71
C ARG A 327 -7.36 26.41 31.95
N LEU A 328 -7.86 27.65 32.02
CA LEU A 328 -9.28 27.92 32.27
C LEU A 328 -10.17 27.60 31.07
N TYR A 329 -9.59 27.55 29.88
CA TYR A 329 -10.32 27.23 28.66
C TYR A 329 -10.47 25.71 28.49
N ILE A 330 -9.35 24.99 28.66
CA ILE A 330 -9.34 23.53 28.60
C ILE A 330 -10.26 22.96 29.69
N GLN A 331 -10.20 23.56 30.87
CA GLN A 331 -11.13 23.26 31.96
C GLN A 331 -12.59 23.42 31.50
N ASN A 332 -12.88 24.57 30.90
CA ASN A 332 -14.24 24.88 30.46
C ASN A 332 -14.74 23.96 29.34
N LEU A 333 -13.88 23.71 28.35
CA LEU A 333 -14.19 22.81 27.24
C LEU A 333 -14.70 21.46 27.74
N GLY A 334 -13.92 20.84 28.64
CA GLY A 334 -14.26 19.54 29.20
C GLY A 334 -15.59 19.57 29.93
N ARG A 335 -15.85 20.69 30.62
CA ARG A 335 -17.11 20.89 31.34
C ARG A 335 -18.27 21.00 30.36
N GLU A 336 -18.09 21.75 29.27
CA GLU A 336 -19.12 21.84 28.24
C GLU A 336 -19.41 20.49 27.58
N LEU A 337 -18.35 19.71 27.32
CA LEU A 337 -18.51 18.38 26.75
C LEU A 337 -19.27 17.45 27.70
N ARG A 338 -18.90 17.50 28.97
CA ARG A 338 -19.62 16.76 30.00
C ARG A 338 -21.10 17.18 29.97
N HIS A 339 -21.33 18.49 29.85
CA HIS A 339 -22.69 19.04 29.78
C HIS A 339 -23.47 18.44 28.60
N THR A 340 -22.90 18.51 27.39
CA THR A 340 -23.54 17.93 26.20
C THR A 340 -23.82 16.44 26.33
N LEU A 341 -23.00 15.73 27.10
CA LEU A 341 -23.16 14.29 27.28
C LEU A 341 -24.04 13.92 28.47
N LYS A 342 -24.53 14.93 29.18
CA LYS A 342 -25.36 14.73 30.36
C LYS A 342 -26.56 13.83 30.09
N ASP A 343 -27.21 14.01 28.95
CA ASP A 343 -28.43 13.27 28.64
C ASP A 343 -28.17 12.21 27.58
N VAL A 344 -26.90 11.84 27.43
CA VAL A 344 -26.50 10.78 26.51
C VAL A 344 -26.28 9.50 27.33
N PRO A 345 -27.31 8.64 27.35
CA PRO A 345 -27.30 7.46 28.20
C PRO A 345 -26.16 6.49 27.84
N ALA A 346 -25.93 6.29 26.56
CA ALA A 346 -24.90 5.37 26.09
C ALA A 346 -23.66 6.14 25.69
N SER A 347 -22.72 6.29 26.63
CA SER A 347 -21.49 7.05 26.37
C SER A 347 -20.33 6.66 27.29
N PHE A 348 -19.12 6.89 26.77
CA PHE A 348 -17.88 6.51 27.44
C PHE A 348 -16.93 7.66 27.15
N ALA A 349 -16.85 8.57 28.12
CA ALA A 349 -16.04 9.77 27.98
C ALA A 349 -15.03 9.88 29.11
N PRO A 350 -13.77 9.51 28.82
CA PRO A 350 -12.68 9.64 29.78
C PRO A 350 -11.98 10.98 29.65
N ALA A 351 -11.41 11.45 30.77
CA ALA A 351 -10.76 12.74 30.81
C ALA A 351 -9.29 12.63 30.42
N CYS A 352 -9.05 12.34 29.16
CA CYS A 352 -7.68 12.29 28.64
C CYS A 352 -7.51 13.22 27.46
N LEU A 353 -6.27 13.60 27.22
CA LEU A 353 -5.86 14.28 26.00
C LEU A 353 -5.47 13.20 24.99
N SER A 354 -6.43 12.84 24.13
CA SER A 354 -6.18 11.83 23.10
C SER A 354 -7.11 11.98 21.89
N HIS A 355 -6.98 11.06 20.92
CA HIS A 355 -7.78 11.10 19.70
C HIS A 355 -7.98 9.72 19.11
N GLU A 356 -9.25 9.30 19.02
CA GLU A 356 -9.64 7.98 18.48
C GLU A 356 -9.32 6.89 19.49
N ILE A 357 -10.05 5.78 19.41
CA ILE A 357 -9.73 4.64 20.28
C ILE A 357 -10.15 3.27 19.78
N ILE A 358 -11.31 3.18 19.13
CA ILE A 358 -11.98 1.88 18.96
C ILE A 358 -11.31 0.87 18.02
N ILE A 359 -10.40 1.31 17.15
CA ILE A 359 -9.59 0.32 16.40
C ILE A 359 -8.11 0.34 16.78
N ARG A 360 -7.80 1.00 17.90
CA ARG A 360 -6.49 0.89 18.53
C ARG A 360 -6.46 -0.39 19.35
N SER A 361 -5.32 -1.09 19.31
CA SER A 361 -5.15 -2.36 20.04
C SER A 361 -5.32 -2.23 21.55
N HIS A 362 -4.88 -1.09 22.09
CA HIS A 362 -4.96 -0.85 23.52
C HIS A 362 -6.26 -0.15 23.91
N TRP A 363 -7.33 -0.37 23.14
CA TRP A 363 -8.67 0.10 23.49
C TRP A 363 -9.23 -0.65 24.71
N THR A 364 -8.67 -1.83 24.99
CA THR A 364 -9.04 -2.63 26.15
C THR A 364 -8.57 -2.02 27.47
N ASP A 365 -7.44 -1.31 27.45
CA ASP A 365 -6.77 -0.83 28.66
C ASP A 365 -7.41 0.42 29.28
N VAL A 366 -8.25 1.11 28.52
CA VAL A 366 -8.91 2.32 29.03
C VAL A 366 -10.10 1.96 29.91
N GLN A 367 -10.19 2.62 31.06
CA GLN A 367 -11.27 2.40 32.02
C GLN A 367 -11.86 3.71 32.49
N VAL A 368 -13.18 3.73 32.66
CA VAL A 368 -13.89 4.83 33.32
C VAL A 368 -14.75 4.20 34.40
N LYS A 369 -14.56 4.64 35.64
CA LYS A 369 -15.26 4.13 36.80
C LYS A 369 -15.15 2.61 36.87
N GLY A 370 -13.91 2.12 36.78
CA GLY A 370 -13.62 0.68 36.86
C GLY A 370 -14.24 -0.17 35.77
N THR A 371 -14.68 0.47 34.68
CA THR A 371 -15.24 -0.24 33.54
C THR A 371 -14.41 0.04 32.30
N SER A 372 -14.12 -1.01 31.53
CA SER A 372 -13.44 -0.91 30.23
C SER A 372 -14.41 -0.55 29.10
N LEU A 373 -13.87 -0.12 27.96
CA LEU A 373 -14.70 0.23 26.81
C LEU A 373 -15.45 -0.99 26.22
N PRO A 374 -14.76 -2.12 26.00
CA PRO A 374 -15.46 -3.29 25.50
C PRO A 374 -16.62 -3.75 26.41
N ARG A 375 -16.41 -3.66 27.73
CA ARG A 375 -17.45 -3.96 28.72
C ARG A 375 -18.65 -3.02 28.58
N ALA A 376 -18.39 -1.71 28.53
CA ALA A 376 -19.44 -0.70 28.37
C ALA A 376 -20.30 -0.98 27.13
N LEU A 377 -19.63 -1.35 26.04
CA LEU A 377 -20.32 -1.64 24.78
C LEU A 377 -21.19 -2.89 24.90
N HIS A 378 -20.65 -3.91 25.57
CA HIS A 378 -21.36 -5.16 25.83
C HIS A 378 -22.58 -4.93 26.75
N CYS A 379 -22.41 -4.13 27.79
CA CYS A 379 -23.53 -3.69 28.64
C CYS A 379 -24.61 -2.99 27.83
N TRP A 380 -24.18 -2.18 26.87
CA TRP A 380 -25.08 -1.45 25.98
C TRP A 380 -25.86 -2.42 25.09
N ASP A 381 -25.15 -3.35 24.45
CA ASP A 381 -25.77 -4.40 23.65
C ASP A 381 -26.77 -5.21 24.50
N ARG A 382 -26.38 -5.53 25.73
CA ARG A 382 -27.28 -6.17 26.68
C ARG A 382 -28.51 -5.30 26.94
N SER A 383 -28.29 -4.02 27.25
CA SER A 383 -29.37 -3.10 27.61
C SER A 383 -30.44 -3.02 26.52
N LEU A 384 -30.07 -3.41 25.31
CA LEU A 384 -30.99 -3.44 24.18
C LEU A 384 -31.46 -4.86 23.95
N CYS A 398 -24.78 -4.12 34.45
CA CYS A 398 -23.46 -3.51 34.28
C CYS A 398 -23.59 -2.13 33.59
N PRO A 399 -22.72 -1.17 33.98
CA PRO A 399 -22.98 0.25 33.67
C PRO A 399 -22.81 0.66 32.20
N VAL A 400 -23.40 1.80 31.82
CA VAL A 400 -23.47 2.25 30.42
C VAL A 400 -23.13 3.73 30.21
N HIS A 401 -23.49 4.60 31.17
CA HIS A 401 -23.17 6.04 31.09
C HIS A 401 -21.88 6.36 31.84
N LEU A 402 -20.76 6.33 31.14
CA LEU A 402 -19.44 6.47 31.78
C LEU A 402 -18.75 7.76 31.40
N VAL A 403 -19.10 8.85 32.06
CA VAL A 403 -18.43 10.12 31.83
C VAL A 403 -17.59 10.48 33.07
N ASP A 404 -16.36 10.94 32.84
CA ASP A 404 -15.47 11.40 33.92
C ASP A 404 -15.95 12.73 34.50
N SER A 405 -16.08 12.78 35.83
CA SER A 405 -16.36 14.02 36.57
C SER A 405 -15.03 14.54 37.13
N CYS A 406 -14.08 14.78 36.23
CA CYS A 406 -12.67 14.86 36.53
C CYS A 406 -12.05 15.90 35.60
N PRO A 407 -11.84 17.12 36.09
CA PRO A 407 -11.71 18.30 35.22
C PRO A 407 -10.35 18.55 34.55
N TRP A 408 -9.46 17.56 34.54
CA TRP A 408 -8.10 17.79 34.05
C TRP A 408 -7.57 16.64 33.20
N PRO A 409 -6.88 16.94 32.08
CA PRO A 409 -6.21 15.92 31.28
C PRO A 409 -5.31 15.02 32.13
N HIS A 410 -5.32 13.73 31.79
CA HIS A 410 -4.47 12.72 32.46
C HIS A 410 -4.89 12.41 33.90
N CYS A 411 -6.05 12.93 34.33
CA CYS A 411 -6.54 12.64 35.68
C CYS A 411 -7.11 11.22 35.81
N ASN A 412 -7.39 10.59 34.67
CA ASN A 412 -7.65 9.17 34.62
C ASN A 412 -6.28 8.47 34.49
N PRO A 413 -6.02 7.45 35.33
CA PRO A 413 -4.76 6.72 35.20
C PRO A 413 -4.71 5.81 33.97
N SER A 414 -5.89 5.52 33.40
CA SER A 414 -6.03 4.65 32.23
C SER A 414 -5.50 5.25 30.94
N CYS A 415 -5.49 6.59 30.87
CA CYS A 415 -5.10 7.34 29.67
C CYS A 415 -3.90 6.76 28.93
N PRO A 416 -3.95 6.74 27.58
CA PRO A 416 -2.88 6.18 26.77
C PRO A 416 -1.59 7.00 26.88
N THR A 417 -0.47 6.37 26.54
CA THR A 417 0.83 7.02 26.66
C THR A 417 1.37 7.42 25.28
N ASN B 52 -7.45 2.85 -15.67
CA ASN B 52 -7.59 3.11 -17.14
C ASN B 52 -6.78 2.09 -17.95
N GLU B 53 -5.47 2.31 -18.03
CA GLU B 53 -4.54 1.38 -18.67
C GLU B 53 -3.79 0.56 -17.61
N ASP B 54 -4.38 0.48 -16.42
CA ASP B 54 -3.77 -0.15 -15.26
C ASP B 54 -3.65 -1.67 -15.38
N LEU B 55 -2.58 -2.21 -14.80
CA LEU B 55 -2.40 -3.65 -14.74
C LEU B 55 -3.23 -4.17 -13.58
N ARG B 56 -3.97 -5.25 -13.81
CA ARG B 56 -4.89 -5.81 -12.83
C ARG B 56 -4.29 -7.06 -12.18
N LEU B 57 -4.41 -7.13 -10.86
CA LEU B 57 -3.83 -8.23 -10.08
C LEU B 57 -4.54 -9.56 -10.31
N HIS B 58 -3.75 -10.61 -10.50
CA HIS B 58 -4.24 -11.98 -10.50
C HIS B 58 -3.35 -12.77 -9.57
N LEU B 59 -3.92 -13.34 -8.52
CA LEU B 59 -3.15 -14.18 -7.61
C LEU B 59 -3.14 -15.59 -8.21
N LEU B 60 -2.01 -16.28 -8.08
CA LEU B 60 -1.85 -17.62 -8.66
C LEU B 60 -2.93 -18.59 -8.18
N LEU B 61 -3.56 -19.25 -9.15
CA LEU B 61 -4.62 -20.22 -8.87
C LEU B 61 -4.11 -21.37 -8.02
N ASN B 62 -2.89 -21.81 -8.28
CA ASN B 62 -2.23 -22.84 -7.48
C ASN B 62 -1.66 -22.23 -6.19
N THR B 63 -2.43 -22.32 -5.11
CA THR B 63 -2.09 -21.65 -3.84
C THR B 63 -0.94 -22.31 -3.08
N SER B 64 -0.40 -23.41 -3.61
CA SER B 64 0.78 -24.00 -2.98
C SER B 64 2.09 -23.40 -3.55
N VAL B 65 1.96 -22.40 -4.41
CA VAL B 65 3.11 -21.65 -4.91
C VAL B 65 3.04 -20.26 -4.28
N THR B 66 3.95 -19.96 -3.37
CA THR B 66 3.70 -18.82 -2.48
C THR B 66 4.89 -17.87 -2.28
N CYS B 67 4.54 -16.69 -1.77
CA CYS B 67 5.52 -15.74 -1.23
C CYS B 67 6.16 -16.31 0.04
N ASN B 68 7.14 -15.61 0.60
CA ASN B 68 7.92 -16.09 1.73
C ASN B 68 7.05 -16.55 2.93
N ASP B 69 5.99 -15.80 3.21
CA ASP B 69 5.19 -16.00 4.42
C ASP B 69 4.01 -16.96 4.26
N GLY B 70 3.86 -17.59 3.09
CA GLY B 70 2.70 -18.45 2.84
C GLY B 70 1.57 -17.83 2.02
N SER B 71 1.55 -16.50 1.90
CA SER B 71 0.52 -15.82 1.13
C SER B 71 0.67 -16.17 -0.35
N PRO B 72 -0.44 -16.12 -1.12
CA PRO B 72 -0.34 -16.48 -2.54
C PRO B 72 0.48 -15.49 -3.34
N ALA B 73 1.30 -16.00 -4.25
CA ALA B 73 2.02 -15.17 -5.20
C ALA B 73 1.05 -14.73 -6.29
N GLY B 74 1.56 -14.04 -7.30
CA GLY B 74 0.71 -13.62 -8.39
C GLY B 74 1.39 -12.64 -9.32
N TYR B 75 0.57 -11.95 -10.11
CA TYR B 75 1.06 -11.11 -11.19
C TYR B 75 -0.01 -10.10 -11.57
N TYR B 76 0.42 -8.94 -12.05
CA TYR B 76 -0.50 -7.96 -12.62
C TYR B 76 -0.45 -8.08 -14.13
N LEU B 77 -1.59 -7.86 -14.79
CA LEU B 77 -1.67 -7.98 -16.24
C LEU B 77 -2.49 -6.86 -16.87
N LYS B 78 -1.97 -6.30 -17.96
CA LYS B 78 -2.76 -5.50 -18.91
C LYS B 78 -2.79 -6.23 -20.25
N GLU B 79 -3.98 -6.66 -20.66
CA GLU B 79 -4.14 -7.32 -21.95
C GLU B 79 -4.10 -6.31 -23.10
N SER B 80 -3.33 -6.60 -24.14
CA SER B 80 -3.40 -5.85 -25.39
C SER B 80 -3.65 -6.84 -26.52
N ARG B 81 -4.94 -7.06 -26.78
CA ARG B 81 -5.40 -8.15 -27.64
C ARG B 81 -5.03 -8.03 -29.12
N GLY B 82 -4.79 -6.80 -29.58
CA GLY B 82 -4.26 -6.56 -30.92
C GLY B 82 -2.76 -6.82 -31.08
N SER B 83 -2.07 -7.00 -29.96
CA SER B 83 -0.60 -7.15 -29.97
C SER B 83 -0.15 -8.58 -29.69
N ARG B 84 0.89 -9.00 -30.39
CA ARG B 84 1.45 -10.33 -30.17
C ARG B 84 2.75 -10.31 -29.34
N ARG B 85 3.10 -9.12 -28.85
CA ARG B 85 4.30 -8.95 -28.00
C ARG B 85 3.95 -8.98 -26.51
N TRP B 86 4.79 -9.65 -25.72
CA TRP B 86 4.60 -9.75 -24.26
C TRP B 86 5.83 -9.31 -23.49
N LEU B 87 5.63 -8.42 -22.53
CA LEU B 87 6.72 -8.02 -21.63
C LEU B 87 6.41 -8.46 -20.21
N LEU B 88 7.18 -9.41 -19.69
CA LEU B 88 7.00 -9.93 -18.33
C LEU B 88 8.09 -9.38 -17.44
N PHE B 89 7.72 -8.50 -16.50
CA PHE B 89 8.72 -7.83 -15.68
C PHE B 89 8.89 -8.48 -14.29
N LEU B 90 10.13 -8.77 -13.94
CA LEU B 90 10.48 -9.28 -12.63
C LEU B 90 11.01 -8.16 -11.76
N GLU B 91 10.33 -7.91 -10.64
CA GLU B 91 10.70 -6.89 -9.67
C GLU B 91 11.93 -7.35 -8.92
N GLY B 92 12.73 -6.39 -8.44
CA GLY B 92 13.88 -6.66 -7.56
C GLY B 92 13.69 -6.14 -6.12
N GLY B 93 14.79 -6.01 -5.39
CA GLY B 93 14.79 -5.52 -4.00
C GLY B 93 15.52 -6.43 -3.02
N TRP B 94 16.75 -6.79 -3.37
CA TRP B 94 17.63 -7.58 -2.51
C TRP B 94 17.19 -9.04 -2.34
N TYR B 95 17.26 -9.54 -1.11
CA TYR B 95 17.10 -10.96 -0.76
C TYR B 95 17.39 -11.06 0.74
N CYS B 96 17.22 -12.25 1.30
CA CYS B 96 17.77 -12.53 2.64
C CYS B 96 18.35 -13.94 2.66
N PHE B 97 19.50 -14.11 3.32
CA PHE B 97 20.24 -15.37 3.19
C PHE B 97 20.38 -16.21 4.46
N ASN B 98 19.68 -15.82 5.52
CA ASN B 98 19.51 -16.64 6.75
C ASN B 98 18.29 -16.19 7.54
N ARG B 99 17.92 -16.95 8.58
CA ARG B 99 16.70 -16.64 9.35
C ARG B 99 16.74 -15.27 10.02
N GLU B 100 17.90 -14.90 10.56
CA GLU B 100 18.02 -13.62 11.27
C GLU B 100 17.69 -12.43 10.35
N ASN B 101 18.38 -12.29 9.22
CA ASN B 101 18.04 -11.14 8.37
C ASN B 101 16.73 -11.25 7.58
N CYS B 102 16.26 -12.47 7.33
CA CYS B 102 14.90 -12.65 6.82
C CYS B 102 13.85 -12.18 7.83
N ASP B 103 14.10 -12.38 9.12
CA ASP B 103 13.17 -11.89 10.15
C ASP B 103 13.16 -10.37 10.23
N SER B 104 14.34 -9.75 10.26
CA SER B 104 14.41 -8.29 10.26
C SER B 104 13.86 -7.70 8.95
N ARG B 105 14.07 -8.39 7.83
CA ARG B 105 13.44 -7.99 6.56
C ARG B 105 11.91 -8.10 6.67
N TYR B 106 11.43 -9.10 7.40
CA TYR B 106 9.98 -9.24 7.57
C TYR B 106 9.40 -8.11 8.42
N ASP B 107 10.14 -7.70 9.44
CA ASP B 107 9.75 -6.58 10.29
C ASP B 107 9.81 -5.25 9.53
N THR B 108 10.86 -5.07 8.73
CA THR B 108 11.17 -3.78 8.11
C THR B 108 10.70 -3.61 6.66
N MET B 109 10.45 -4.72 5.98
CA MET B 109 10.18 -4.69 4.55
C MET B 109 9.17 -5.77 4.17
N ARG B 110 8.13 -5.90 4.99
CA ARG B 110 7.13 -6.96 4.82
C ARG B 110 6.60 -7.04 3.39
N ARG B 111 6.49 -5.90 2.71
CA ARG B 111 6.03 -5.86 1.32
C ARG B 111 6.79 -6.85 0.42
N LEU B 112 8.05 -7.11 0.74
CA LEU B 112 8.89 -7.95 -0.11
C LEU B 112 8.90 -9.43 0.26
N MET B 113 8.07 -9.79 1.24
CA MET B 113 7.96 -11.18 1.68
C MET B 113 6.51 -11.66 1.74
N SER B 114 5.59 -10.85 1.22
CA SER B 114 4.15 -11.10 1.35
C SER B 114 3.40 -10.51 0.16
N SER B 115 2.20 -11.02 -0.11
CA SER B 115 1.31 -10.39 -1.10
C SER B 115 0.17 -9.64 -0.40
N ARG B 116 0.23 -9.60 0.93
CA ARG B 116 -0.88 -9.10 1.76
C ARG B 116 -1.14 -7.61 1.55
N ASP B 117 -0.10 -6.85 1.23
CA ASP B 117 -0.26 -5.43 1.06
C ASP B 117 -0.31 -4.96 -0.40
N TRP B 118 -0.37 -5.91 -1.34
CA TRP B 118 -0.39 -5.53 -2.76
C TRP B 118 -1.71 -4.85 -3.11
N PRO B 119 -1.66 -3.77 -3.92
CA PRO B 119 -2.87 -3.14 -4.44
C PRO B 119 -3.51 -4.00 -5.53
N ARG B 120 -4.80 -3.80 -5.75
CA ARG B 120 -5.56 -4.54 -6.77
C ARG B 120 -5.15 -4.18 -8.21
N THR B 121 -4.62 -2.98 -8.39
CA THR B 121 -4.22 -2.50 -9.70
C THR B 121 -2.89 -1.78 -9.55
N ARG B 122 -2.18 -1.65 -10.67
CA ARG B 122 -0.89 -0.98 -10.74
C ARG B 122 -0.79 -0.25 -12.06
N THR B 123 -0.22 0.96 -12.04
CA THR B 123 0.13 1.69 -13.27
C THR B 123 1.48 1.27 -13.84
N GLY B 124 1.47 0.80 -15.09
CA GLY B 124 2.71 0.48 -15.80
C GLY B 124 3.55 1.73 -16.02
N THR B 125 4.83 1.65 -15.64
CA THR B 125 5.79 2.75 -15.83
C THR B 125 6.95 2.28 -16.71
N GLY B 126 7.63 3.23 -17.36
CA GLY B 126 8.75 2.95 -18.26
C GLY B 126 8.38 1.99 -19.38
N ILE B 127 9.16 0.93 -19.51
CA ILE B 127 8.92 -0.11 -20.52
C ILE B 127 7.55 -0.80 -20.37
N LEU B 128 6.97 -0.71 -19.18
CA LEU B 128 5.63 -1.24 -18.92
C LEU B 128 4.51 -0.23 -19.17
N SER B 129 4.87 1.02 -19.49
CA SER B 129 3.85 2.04 -19.69
C SER B 129 3.08 1.89 -21.00
N SER B 130 1.80 2.25 -20.95
CA SER B 130 0.94 2.25 -22.12
C SER B 130 0.82 3.63 -22.76
N GLN B 131 1.66 4.55 -22.28
CA GLN B 131 1.73 5.91 -22.84
C GLN B 131 2.80 5.97 -23.95
N PRO B 132 2.38 6.21 -25.22
CA PRO B 132 3.31 6.29 -26.33
C PRO B 132 4.53 7.12 -26.01
N GLU B 133 4.35 8.25 -25.35
CA GLU B 133 5.48 9.15 -25.12
C GLU B 133 6.45 8.58 -24.08
N GLU B 134 5.92 7.88 -23.08
CA GLU B 134 6.76 7.23 -22.07
C GLU B 134 7.48 6.00 -22.62
N ASN B 135 6.89 5.36 -23.63
CA ASN B 135 7.34 4.04 -24.09
C ASN B 135 7.05 3.92 -25.59
N PRO B 136 7.86 4.61 -26.44
CA PRO B 136 7.47 4.83 -27.84
C PRO B 136 7.41 3.59 -28.72
N TYR B 137 8.22 2.58 -28.44
CA TYR B 137 8.20 1.36 -29.26
C TYR B 137 7.27 0.28 -28.73
N TRP B 138 7.13 0.16 -27.41
CA TRP B 138 6.44 -0.98 -26.82
C TRP B 138 5.12 -0.71 -26.08
N TRP B 139 4.64 0.53 -26.13
CA TRP B 139 3.47 0.95 -25.37
C TRP B 139 2.26 0.03 -25.55
N ASN B 140 2.17 -0.60 -26.70
CA ASN B 140 1.00 -1.39 -27.06
C ASN B 140 1.11 -2.88 -26.71
N ALA B 141 2.24 -3.29 -26.15
CA ALA B 141 2.45 -4.70 -25.82
C ALA B 141 1.52 -5.19 -24.70
N ASN B 142 1.45 -6.52 -24.55
CA ASN B 142 0.85 -7.16 -23.37
C ASN B 142 1.82 -7.01 -22.21
N MET B 143 1.33 -6.50 -21.09
CA MET B 143 2.16 -6.06 -19.98
C MET B 143 1.91 -6.88 -18.72
N VAL B 144 3.00 -7.36 -18.12
CA VAL B 144 2.92 -8.16 -16.91
C VAL B 144 3.98 -7.70 -15.92
N PHE B 145 3.56 -7.44 -14.69
CA PHE B 145 4.47 -7.08 -13.61
C PHE B 145 4.38 -8.22 -12.59
N ILE B 146 5.51 -8.82 -12.25
CA ILE B 146 5.54 -9.94 -11.30
C ILE B 146 6.27 -9.50 -10.04
N PRO B 147 5.53 -9.26 -8.97
CA PRO B 147 6.17 -8.70 -7.78
C PRO B 147 7.10 -9.71 -7.11
N TYR B 148 8.10 -9.16 -6.42
CA TYR B 148 9.16 -9.95 -5.86
C TYR B 148 8.80 -10.19 -4.40
N CYS B 149 8.34 -11.40 -4.08
CA CYS B 149 7.99 -11.72 -2.70
C CYS B 149 8.72 -12.95 -2.14
N SER B 150 9.77 -13.37 -2.83
CA SER B 150 10.44 -14.64 -2.50
C SER B 150 11.86 -14.47 -1.92
N SER B 151 12.40 -13.26 -2.01
CA SER B 151 13.71 -12.92 -1.46
C SER B 151 14.86 -13.87 -1.84
N ASP B 152 14.75 -14.50 -3.02
CA ASP B 152 15.66 -15.59 -3.41
C ASP B 152 16.32 -15.32 -4.77
N VAL B 153 16.32 -14.05 -5.19
CA VAL B 153 16.79 -13.66 -6.51
C VAL B 153 16.14 -14.55 -7.60
N TRP B 154 14.87 -14.94 -7.38
CA TRP B 154 14.09 -15.76 -8.30
C TRP B 154 14.70 -17.18 -8.57
N SER B 155 15.43 -17.74 -7.60
CA SER B 155 16.09 -19.04 -7.79
C SER B 155 15.47 -20.24 -7.07
N GLY B 156 14.52 -19.97 -6.18
CA GLY B 156 13.94 -21.02 -5.33
C GLY B 156 13.03 -21.93 -6.14
N ALA B 157 13.34 -23.22 -6.16
CA ALA B 157 12.56 -24.18 -6.94
C ALA B 157 11.87 -25.22 -6.08
N SER B 158 11.94 -25.05 -4.76
CA SER B 158 11.48 -26.08 -3.85
C SER B 158 10.12 -25.72 -3.25
N SER B 159 9.16 -26.62 -3.47
CA SER B 159 7.79 -26.46 -2.98
C SER B 159 7.64 -26.78 -1.49
N LYS B 160 8.44 -27.75 -1.04
CA LYS B 160 8.46 -28.20 0.36
C LYS B 160 9.01 -27.11 1.28
N SER B 161 8.46 -27.05 2.49
CA SER B 161 8.95 -26.16 3.56
C SER B 161 8.05 -26.27 4.80
N ASN B 164 9.21 -23.20 11.96
CA ASN B 164 8.32 -22.94 10.83
C ASN B 164 8.97 -21.94 9.89
N GLU B 165 9.27 -22.40 8.68
CA GLU B 165 10.24 -21.75 7.83
C GLU B 165 9.60 -20.83 6.77
N TYR B 166 10.39 -19.91 6.25
CA TYR B 166 10.00 -19.14 5.08
C TYR B 166 10.07 -20.03 3.84
N ALA B 167 9.17 -19.80 2.89
CA ALA B 167 9.17 -20.52 1.61
C ALA B 167 9.86 -19.66 0.55
N PHE B 168 10.66 -20.32 -0.28
CA PHE B 168 11.44 -19.69 -1.34
C PHE B 168 11.10 -20.30 -2.69
N MET B 169 10.25 -19.61 -3.45
CA MET B 169 9.66 -20.21 -4.64
C MET B 169 9.75 -19.35 -5.90
N GLY B 170 10.72 -18.44 -5.95
CA GLY B 170 10.88 -17.54 -7.10
C GLY B 170 10.78 -18.19 -8.48
N ALA B 171 11.52 -19.27 -8.71
CA ALA B 171 11.56 -19.89 -10.04
C ALA B 171 10.23 -20.57 -10.36
N LEU B 172 9.58 -21.07 -9.31
CA LEU B 172 8.25 -21.67 -9.46
C LEU B 172 7.17 -20.62 -9.69
N ILE B 173 7.32 -19.44 -9.09
CA ILE B 173 6.38 -18.34 -9.34
C ILE B 173 6.39 -17.98 -10.83
N ILE B 174 7.58 -17.81 -11.40
CA ILE B 174 7.72 -17.46 -12.82
C ILE B 174 7.06 -18.54 -13.69
N GLN B 175 7.45 -19.79 -13.44
CA GLN B 175 6.85 -20.94 -14.11
C GLN B 175 5.31 -20.91 -14.08
N GLU B 176 4.73 -20.68 -12.91
CA GLU B 176 3.26 -20.61 -12.78
C GLU B 176 2.66 -19.40 -13.48
N VAL B 177 3.35 -18.27 -13.45
CA VAL B 177 2.84 -17.09 -14.13
C VAL B 177 2.73 -17.36 -15.63
N VAL B 178 3.81 -17.90 -16.20
CA VAL B 178 3.83 -18.23 -17.63
C VAL B 178 2.72 -19.21 -18.00
N ARG B 179 2.54 -20.28 -17.23
CA ARG B 179 1.50 -21.24 -17.61
C ARG B 179 0.07 -20.67 -17.51
N GLU B 180 -0.21 -19.89 -16.47
CA GLU B 180 -1.50 -19.17 -16.41
C GLU B 180 -1.70 -18.22 -17.60
N LEU B 181 -0.67 -17.43 -17.90
CA LEU B 181 -0.74 -16.50 -19.02
C LEU B 181 -1.13 -17.14 -20.34
N LEU B 182 -0.71 -18.39 -20.55
CA LEU B 182 -1.03 -19.12 -21.78
C LEU B 182 -2.54 -19.11 -22.07
N GLY B 183 -3.34 -19.29 -21.03
CA GLY B 183 -4.80 -19.26 -21.16
C GLY B 183 -5.39 -17.87 -21.23
N ARG B 184 -4.54 -16.85 -21.25
CA ARG B 184 -4.99 -15.46 -21.27
C ARG B 184 -4.45 -14.70 -22.49
N GLY B 185 -3.94 -15.47 -23.46
CA GLY B 185 -3.48 -14.89 -24.72
C GLY B 185 -2.06 -15.25 -25.11
N LEU B 186 -1.22 -15.56 -24.12
CA LEU B 186 0.20 -15.82 -24.37
C LEU B 186 0.44 -16.92 -25.39
N SER B 187 -0.50 -17.86 -25.50
CA SER B 187 -0.35 -18.98 -26.43
C SER B 187 -0.22 -18.52 -27.89
N GLY B 188 -0.80 -17.36 -28.21
CA GLY B 188 -0.71 -16.81 -29.55
C GLY B 188 0.34 -15.74 -29.75
N ALA B 189 1.35 -15.71 -28.87
CA ALA B 189 2.39 -14.68 -28.92
C ALA B 189 3.51 -14.99 -29.91
N LYS B 190 4.17 -13.92 -30.35
CA LYS B 190 5.33 -14.01 -31.20
C LYS B 190 6.61 -13.81 -30.36
N VAL B 191 6.52 -12.94 -29.37
CA VAL B 191 7.68 -12.50 -28.60
C VAL B 191 7.36 -12.40 -27.11
N LEU B 192 8.13 -13.12 -26.30
CA LEU B 192 8.07 -12.96 -24.86
C LEU B 192 9.41 -12.44 -24.39
N LEU B 193 9.42 -11.16 -24.01
CA LEU B 193 10.61 -10.57 -23.42
C LEU B 193 10.56 -10.66 -21.89
N LEU B 194 11.42 -11.49 -21.32
CA LEU B 194 11.53 -11.55 -19.86
C LEU B 194 12.47 -10.46 -19.38
N ALA B 195 11.92 -9.47 -18.69
CA ALA B 195 12.67 -8.30 -18.23
C ALA B 195 12.72 -8.27 -16.70
N GLY B 196 13.70 -7.55 -16.14
CA GLY B 196 13.84 -7.49 -14.70
C GLY B 196 14.84 -6.45 -14.24
N SER B 197 14.64 -5.93 -13.03
CA SER B 197 15.53 -4.90 -12.48
C SER B 197 16.08 -5.38 -11.14
N SER B 198 17.37 -5.12 -10.93
CA SER B 198 18.08 -5.53 -9.72
C SER B 198 18.08 -7.05 -9.59
N ALA B 199 17.58 -7.55 -8.47
CA ALA B 199 17.44 -8.99 -8.25
C ALA B 199 16.60 -9.62 -9.36
N GLY B 200 15.66 -8.84 -9.89
CA GLY B 200 14.86 -9.22 -11.03
C GLY B 200 15.69 -9.32 -12.31
N GLY B 201 16.68 -8.44 -12.44
CA GLY B 201 17.66 -8.49 -13.53
C GLY B 201 18.47 -9.78 -13.48
N THR B 202 19.01 -10.11 -12.31
CA THR B 202 19.71 -11.39 -12.18
C THR B 202 18.72 -12.55 -12.35
N GLY B 203 17.51 -12.41 -11.81
CA GLY B 203 16.45 -13.39 -12.02
C GLY B 203 16.16 -13.70 -13.48
N VAL B 204 16.32 -12.70 -14.35
CA VAL B 204 16.16 -12.90 -15.79
C VAL B 204 17.24 -13.88 -16.27
N LEU B 205 18.47 -13.65 -15.86
CA LEU B 205 19.58 -14.48 -16.29
C LEU B 205 19.43 -15.93 -15.80
N LEU B 206 18.82 -16.09 -14.61
CA LEU B 206 18.66 -17.41 -14.00
C LEU B 206 17.48 -18.16 -14.59
N ASN B 207 16.59 -17.43 -15.24
CA ASN B 207 15.30 -17.99 -15.61
C ASN B 207 14.96 -17.99 -17.07
N VAL B 208 15.63 -17.17 -17.88
CA VAL B 208 15.22 -17.00 -19.29
C VAL B 208 15.23 -18.32 -20.06
N ASP B 209 16.27 -19.12 -19.92
CA ASP B 209 16.29 -20.42 -20.63
C ASP B 209 15.28 -21.41 -20.10
N ARG B 210 15.00 -21.37 -18.80
CA ARG B 210 13.99 -22.24 -18.19
C ARG B 210 12.61 -21.96 -18.75
N VAL B 211 12.29 -20.67 -18.91
CA VAL B 211 11.05 -20.25 -19.56
C VAL B 211 10.99 -20.72 -21.02
N ALA B 212 12.06 -20.52 -21.77
CA ALA B 212 12.11 -21.02 -23.15
C ALA B 212 11.86 -22.55 -23.22
N GLU B 213 12.56 -23.31 -22.37
CA GLU B 213 12.34 -24.76 -22.28
C GLU B 213 10.92 -25.13 -21.87
N GLN B 214 10.35 -24.38 -20.92
CA GLN B 214 8.98 -24.59 -20.46
C GLN B 214 8.00 -24.46 -21.63
N LEU B 215 8.13 -23.41 -22.44
CA LEU B 215 7.23 -23.19 -23.58
C LEU B 215 7.36 -24.24 -24.68
N GLU B 216 8.58 -24.62 -25.05
CA GLU B 216 8.76 -25.65 -26.06
C GLU B 216 8.16 -26.99 -25.62
N LYS B 217 8.42 -27.38 -24.37
CA LYS B 217 7.83 -28.58 -23.78
C LYS B 217 6.29 -28.54 -23.77
N LEU B 218 5.72 -27.37 -23.53
CA LEU B 218 4.26 -27.20 -23.55
C LEU B 218 3.69 -27.09 -24.97
N GLY B 219 4.56 -27.12 -25.98
CA GLY B 219 4.15 -27.16 -27.37
C GLY B 219 3.86 -25.78 -27.94
N TYR B 220 4.67 -24.81 -27.53
CA TYR B 220 4.58 -23.47 -28.07
C TYR B 220 5.95 -22.98 -28.55
N PRO B 221 6.53 -23.64 -29.58
CA PRO B 221 7.88 -23.34 -30.08
C PRO B 221 7.98 -22.00 -30.82
N ALA B 222 6.85 -21.44 -31.23
CA ALA B 222 6.83 -20.24 -32.06
C ALA B 222 6.95 -18.95 -31.25
N ILE B 223 7.01 -19.09 -29.93
CA ILE B 223 7.19 -17.93 -29.06
C ILE B 223 8.70 -17.73 -28.90
N GLN B 224 9.20 -16.59 -29.40
CA GLN B 224 10.60 -16.21 -29.22
C GLN B 224 10.80 -15.60 -27.83
N VAL B 225 11.60 -16.28 -27.02
CA VAL B 225 11.86 -15.85 -25.65
C VAL B 225 13.16 -15.07 -25.67
N ARG B 226 13.12 -13.90 -25.02
CA ARG B 226 14.29 -13.04 -24.93
C ARG B 226 14.41 -12.50 -23.51
N GLY B 227 15.58 -11.98 -23.17
CA GLY B 227 15.84 -11.45 -21.85
C GLY B 227 16.23 -9.98 -21.90
N LEU B 228 15.79 -9.24 -20.88
CA LEU B 228 16.29 -7.90 -20.63
C LEU B 228 16.67 -7.80 -19.15
N ALA B 229 17.97 -7.81 -18.87
CA ALA B 229 18.45 -7.71 -17.48
C ALA B 229 18.94 -6.30 -17.18
N ASP B 230 18.23 -5.63 -16.28
CA ASP B 230 18.61 -4.26 -15.87
C ASP B 230 19.18 -4.21 -14.45
N SER B 231 20.42 -3.76 -14.29
CA SER B 231 21.03 -3.67 -12.96
C SER B 231 21.12 -5.02 -12.24
N GLY B 232 21.29 -6.10 -13.00
CA GLY B 232 21.45 -7.43 -12.41
C GLY B 232 22.78 -8.06 -12.77
N TRP B 233 23.70 -7.24 -13.24
CA TRP B 233 25.00 -7.67 -13.75
C TRP B 233 26.09 -7.26 -12.76
N PHE B 234 26.52 -8.20 -11.92
CA PHE B 234 27.40 -7.88 -10.80
C PHE B 234 28.78 -8.53 -10.86
N LEU B 235 29.74 -7.92 -10.18
CA LEU B 235 31.07 -8.49 -10.03
C LEU B 235 31.20 -9.20 -8.68
N ASP B 236 31.77 -10.40 -8.72
CA ASP B 236 32.08 -11.15 -7.50
C ASP B 236 33.44 -10.72 -6.98
N ASN B 237 33.54 -9.46 -6.57
CA ASN B 237 34.84 -8.83 -6.36
C ASN B 237 35.26 -8.75 -4.89
N LYS B 238 36.45 -8.21 -4.66
CA LYS B 238 36.91 -7.85 -3.33
C LYS B 238 36.28 -6.52 -2.88
N GLN B 239 35.77 -6.48 -1.65
CA GLN B 239 35.23 -5.24 -1.05
C GLN B 239 36.29 -4.14 -0.93
N TYR B 240 35.85 -2.89 -0.93
CA TYR B 240 36.75 -1.76 -0.72
C TYR B 240 37.26 -1.77 0.72
N ARG B 241 36.34 -1.84 1.68
CA ARG B 241 36.68 -2.02 3.09
C ARG B 241 35.94 -3.26 3.57
N HIS B 242 36.65 -4.18 4.18
CA HIS B 242 36.04 -5.44 4.57
C HIS B 242 35.00 -5.25 5.68
N THR B 243 33.88 -5.97 5.58
CA THR B 243 32.99 -6.15 6.73
C THR B 243 32.64 -7.61 6.90
N ASP B 244 32.26 -7.97 8.12
CA ASP B 244 31.67 -9.28 8.39
C ASP B 244 30.32 -9.33 7.74
N CYS B 245 29.95 -10.50 7.25
CA CYS B 245 28.71 -10.68 6.54
C CYS B 245 27.53 -10.75 7.53
N VAL B 246 27.06 -9.59 8.01
CA VAL B 246 25.92 -9.55 8.93
C VAL B 246 24.67 -8.97 8.27
N ASP B 247 24.70 -7.66 7.99
CA ASP B 247 23.63 -7.01 7.25
C ASP B 247 23.64 -7.51 5.81
N THR B 248 22.45 -7.79 5.27
CA THR B 248 22.29 -8.20 3.89
C THR B 248 23.03 -7.30 2.91
N ILE B 249 22.78 -6.00 3.01
CA ILE B 249 23.16 -5.05 1.96
C ILE B 249 24.67 -4.85 1.87
N THR B 250 25.39 -5.13 2.95
CA THR B 250 26.84 -4.98 2.95
C THR B 250 27.63 -6.29 3.02
N CYS B 251 26.98 -7.44 2.88
CA CYS B 251 27.70 -8.71 2.85
C CYS B 251 28.33 -8.83 1.47
N ALA B 252 29.62 -9.10 1.43
CA ALA B 252 30.35 -9.29 0.16
C ALA B 252 29.57 -10.19 -0.80
N PRO B 253 29.59 -9.88 -2.10
CA PRO B 253 28.66 -10.56 -3.02
C PRO B 253 28.87 -12.08 -3.16
N THR B 254 30.12 -12.53 -3.30
CA THR B 254 30.35 -13.99 -3.37
C THR B 254 29.72 -14.70 -2.16
N GLU B 255 30.00 -14.19 -0.97
CA GLU B 255 29.57 -14.80 0.29
C GLU B 255 28.07 -14.79 0.48
N ALA B 256 27.43 -13.69 0.05
CA ALA B 256 25.98 -13.57 0.16
C ALA B 256 25.29 -14.66 -0.64
N ILE B 257 25.81 -14.90 -1.84
CA ILE B 257 25.23 -15.88 -2.77
C ILE B 257 25.53 -17.32 -2.32
N ARG B 258 26.75 -17.57 -1.88
CA ARG B 258 27.06 -18.87 -1.26
C ARG B 258 26.08 -19.23 -0.17
N ARG B 259 25.78 -18.27 0.73
CA ARG B 259 24.84 -18.56 1.81
C ARG B 259 23.42 -18.70 1.26
N GLY B 260 23.04 -17.74 0.42
CA GLY B 260 21.72 -17.71 -0.22
C GLY B 260 21.32 -19.00 -0.90
N ILE B 261 22.12 -19.47 -1.85
CA ILE B 261 21.82 -20.69 -2.59
C ILE B 261 21.46 -21.84 -1.67
N ARG B 262 22.23 -22.03 -0.60
CA ARG B 262 21.97 -23.11 0.35
C ARG B 262 20.69 -22.85 1.12
N TYR B 263 20.52 -21.61 1.57
CA TYR B 263 19.36 -21.22 2.36
C TYR B 263 18.07 -21.30 1.52
N TRP B 264 18.15 -20.93 0.24
CA TRP B 264 16.97 -20.95 -0.63
C TRP B 264 16.73 -22.27 -1.32
N ASN B 265 17.68 -23.20 -1.25
CA ASN B 265 17.68 -24.33 -2.18
C ASN B 265 17.54 -23.82 -3.63
N GLY B 266 18.41 -22.87 -3.97
CA GLY B 266 18.31 -22.17 -5.25
C GLY B 266 18.80 -23.00 -6.43
N VAL B 267 18.19 -22.80 -7.58
CA VAL B 267 18.64 -23.42 -8.81
C VAL B 267 19.21 -22.39 -9.79
N VAL B 268 20.25 -22.81 -10.51
CA VAL B 268 20.91 -22.03 -11.56
C VAL B 268 20.70 -22.72 -12.92
N PRO B 269 20.92 -22.00 -14.04
CA PRO B 269 20.73 -22.65 -15.35
C PRO B 269 21.65 -23.85 -15.54
N GLU B 270 21.12 -24.92 -16.14
CA GLU B 270 21.85 -26.19 -16.33
C GLU B 270 23.15 -26.01 -17.11
N ARG B 271 23.11 -25.15 -18.12
CA ARG B 271 24.26 -24.98 -19.01
C ARG B 271 25.40 -24.27 -18.29
N CYS B 272 25.06 -23.38 -17.37
CA CYS B 272 26.07 -22.77 -16.53
C CYS B 272 26.49 -23.76 -15.43
N ARG B 273 25.53 -24.45 -14.86
CA ARG B 273 25.76 -25.42 -13.81
C ARG B 273 26.79 -26.48 -14.21
N ARG B 274 26.70 -26.98 -15.46
CA ARG B 274 27.59 -28.07 -15.86
C ARG B 274 29.03 -27.63 -16.08
N GLN B 275 29.29 -26.34 -15.83
CA GLN B 275 30.59 -25.72 -16.04
C GLN B 275 31.40 -25.50 -14.76
N PHE B 276 30.78 -25.79 -13.61
CA PHE B 276 31.40 -25.57 -12.31
C PHE B 276 31.23 -26.80 -11.41
N GLN B 277 32.15 -26.96 -10.45
CA GLN B 277 32.03 -28.03 -9.47
C GLN B 277 30.68 -27.98 -8.74
N GLU B 278 30.12 -29.16 -8.43
CA GLU B 278 28.96 -29.25 -7.54
C GLU B 278 29.29 -28.54 -6.23
N GLY B 279 28.38 -27.71 -5.75
CA GLY B 279 28.65 -26.89 -4.57
C GLY B 279 29.17 -25.49 -4.90
N GLU B 280 29.59 -25.27 -6.15
CA GLU B 280 30.08 -23.94 -6.58
C GLU B 280 29.11 -23.28 -7.56
N GLU B 281 27.84 -23.62 -7.43
CA GLU B 281 26.77 -23.05 -8.26
C GLU B 281 26.58 -21.54 -8.07
N TRP B 282 27.17 -20.96 -7.02
CA TRP B 282 27.06 -19.51 -6.77
C TRP B 282 27.58 -18.70 -7.96
N ASN B 283 28.54 -19.29 -8.68
CA ASN B 283 29.16 -18.67 -9.85
C ASN B 283 28.14 -18.18 -10.88
N CYS B 284 27.04 -18.93 -11.00
CA CYS B 284 26.03 -18.69 -12.02
C CYS B 284 25.06 -17.53 -11.72
N PHE B 285 25.19 -16.92 -10.55
CA PHE B 285 24.44 -15.67 -10.24
C PHE B 285 25.14 -14.44 -10.84
N PHE B 286 26.36 -14.65 -11.35
CA PHE B 286 27.14 -13.50 -11.81
C PHE B 286 27.13 -13.44 -13.33
N GLY B 287 26.63 -12.31 -13.84
CA GLY B 287 26.31 -12.14 -15.25
C GLY B 287 27.37 -12.62 -16.21
N TYR B 288 28.61 -12.19 -15.97
CA TYR B 288 29.68 -12.46 -16.90
C TYR B 288 30.04 -13.96 -16.93
N LYS B 289 29.60 -14.71 -15.92
CA LYS B 289 29.87 -16.14 -15.85
C LYS B 289 28.75 -16.96 -16.45
N VAL B 290 27.51 -16.49 -16.32
CA VAL B 290 26.35 -17.24 -16.79
C VAL B 290 26.00 -16.91 -18.24
N TYR B 291 26.25 -15.65 -18.63
CA TYR B 291 25.87 -15.14 -19.95
C TYR B 291 26.38 -15.97 -21.13
N PRO B 292 27.67 -16.37 -21.12
CA PRO B 292 28.19 -17.06 -22.31
C PRO B 292 27.45 -18.33 -22.74
N THR B 293 26.80 -19.02 -21.80
CA THR B 293 26.10 -20.26 -22.12
C THR B 293 24.60 -20.13 -22.31
N LEU B 294 24.11 -18.89 -22.33
CA LEU B 294 22.69 -18.64 -22.54
C LEU B 294 22.30 -18.97 -23.98
N ARG B 295 21.21 -19.69 -24.15
CA ARG B 295 20.65 -19.90 -25.50
C ARG B 295 19.85 -18.68 -25.96
N CYS B 296 18.85 -18.27 -25.19
CA CYS B 296 18.08 -17.04 -25.52
C CYS B 296 18.95 -15.79 -25.63
N PRO B 297 18.61 -14.89 -26.57
CA PRO B 297 19.26 -13.57 -26.64
C PRO B 297 18.87 -12.69 -25.45
N VAL B 298 19.87 -11.99 -24.90
CA VAL B 298 19.67 -11.19 -23.71
C VAL B 298 20.31 -9.83 -23.85
N PHE B 299 19.53 -8.77 -23.72
CA PHE B 299 20.03 -7.41 -23.68
C PHE B 299 20.43 -7.04 -22.26
N VAL B 300 21.63 -6.48 -22.08
CA VAL B 300 22.12 -6.14 -20.73
C VAL B 300 22.18 -4.63 -20.56
N VAL B 301 21.37 -4.13 -19.61
CA VAL B 301 21.43 -2.73 -19.17
C VAL B 301 22.10 -2.66 -17.80
N GLN B 302 23.17 -1.88 -17.70
CA GLN B 302 23.94 -1.88 -16.46
C GLN B 302 24.69 -0.58 -16.27
N TRP B 303 24.28 0.20 -15.27
CA TRP B 303 25.06 1.36 -14.86
C TRP B 303 26.46 0.87 -14.50
N LEU B 304 27.48 1.58 -14.97
CA LEU B 304 28.86 1.26 -14.63
C LEU B 304 29.14 1.34 -13.14
N PHE B 305 28.38 2.19 -12.46
CA PHE B 305 28.53 2.36 -11.03
C PHE B 305 27.19 2.16 -10.35
N ASP B 306 26.82 0.89 -10.22
CA ASP B 306 25.55 0.50 -9.62
C ASP B 306 25.66 0.65 -8.11
N GLU B 307 24.66 1.31 -7.51
CA GLU B 307 24.64 1.58 -6.09
C GLU B 307 24.61 0.31 -5.23
N ALA B 308 23.91 -0.72 -5.71
CA ALA B 308 23.90 -2.05 -5.08
C ALA B 308 25.27 -2.75 -5.11
N GLN B 309 25.94 -2.72 -6.26
CA GLN B 309 27.33 -3.18 -6.32
C GLN B 309 28.18 -2.42 -5.31
N LEU B 310 28.07 -1.10 -5.30
CA LEU B 310 28.87 -0.28 -4.39
C LEU B 310 28.61 -0.56 -2.92
N THR B 311 27.33 -0.77 -2.60
CA THR B 311 26.89 -1.15 -1.25
C THR B 311 27.44 -2.51 -0.79
N VAL B 312 27.31 -3.56 -1.61
CA VAL B 312 27.92 -4.86 -1.21
C VAL B 312 29.45 -4.81 -1.15
N ASP B 313 30.04 -3.83 -1.82
CA ASP B 313 31.48 -3.56 -1.75
C ASP B 313 31.87 -2.64 -0.58
N ASN B 314 30.88 -2.28 0.22
CA ASN B 314 31.07 -1.40 1.37
C ASN B 314 31.72 -0.07 0.97
N VAL B 315 31.28 0.46 -0.17
CA VAL B 315 31.66 1.81 -0.60
C VAL B 315 30.53 2.76 -0.30
N HIS B 316 30.82 3.84 0.42
CA HIS B 316 29.81 4.83 0.75
C HIS B 316 30.23 6.22 0.27
N LEU B 317 29.47 6.77 -0.65
CA LEU B 317 29.81 8.03 -1.29
C LEU B 317 29.07 9.21 -0.67
N THR B 318 29.24 9.37 0.63
CA THR B 318 28.62 10.44 1.40
C THR B 318 28.88 11.84 0.84
N GLY B 319 30.06 12.03 0.24
CA GLY B 319 30.50 13.34 -0.23
C GLY B 319 31.83 13.70 0.42
N GLN B 320 32.03 15.00 0.66
CA GLN B 320 33.31 15.52 1.17
C GLN B 320 34.44 15.18 0.18
N PRO B 321 35.72 15.23 0.63
CA PRO B 321 36.77 14.72 -0.26
C PRO B 321 36.67 13.20 -0.48
N VAL B 322 37.28 12.71 -1.56
CA VAL B 322 37.35 11.27 -1.83
C VAL B 322 38.79 10.78 -1.85
N GLN B 323 39.13 9.89 -0.90
CA GLN B 323 40.48 9.35 -0.74
C GLN B 323 41.01 8.65 -2.00
N GLU B 324 42.33 8.54 -2.09
CA GLU B 324 42.98 7.99 -3.28
C GLU B 324 42.74 6.49 -3.46
N GLY B 325 42.80 5.75 -2.35
CA GLY B 325 42.45 4.32 -2.35
C GLY B 325 41.07 4.09 -2.93
N LEU B 326 40.11 4.89 -2.47
CA LEU B 326 38.72 4.81 -2.94
C LEU B 326 38.63 5.14 -4.43
N ARG B 327 39.28 6.24 -4.81
CA ARG B 327 39.29 6.70 -6.19
C ARG B 327 39.79 5.60 -7.09
N LEU B 328 40.92 5.00 -6.71
CA LEU B 328 41.50 3.88 -7.42
C LEU B 328 40.55 2.69 -7.52
N TYR B 329 39.86 2.38 -6.43
CA TYR B 329 38.92 1.25 -6.40
C TYR B 329 37.73 1.46 -7.36
N ILE B 330 37.18 2.68 -7.36
CA ILE B 330 36.02 3.01 -8.20
C ILE B 330 36.40 2.99 -9.68
N GLN B 331 37.61 3.47 -9.99
CA GLN B 331 38.17 3.41 -11.34
C GLN B 331 38.25 1.97 -11.85
N ASN B 332 38.84 1.08 -11.05
CA ASN B 332 38.99 -0.32 -11.40
C ASN B 332 37.65 -1.01 -11.61
N LEU B 333 36.67 -0.62 -10.79
CA LEU B 333 35.32 -1.17 -10.88
C LEU B 333 34.67 -0.86 -12.24
N GLY B 334 34.69 0.41 -12.64
CA GLY B 334 34.24 0.80 -13.98
C GLY B 334 34.93 -0.03 -15.05
N ARG B 335 36.25 -0.11 -14.98
CA ARG B 335 37.09 -0.87 -15.93
C ARG B 335 36.72 -2.36 -16.04
N GLU B 336 36.65 -3.05 -14.90
CA GLU B 336 36.28 -4.47 -14.84
C GLU B 336 34.88 -4.70 -15.39
N LEU B 337 33.97 -3.78 -15.06
CA LEU B 337 32.60 -3.86 -15.55
C LEU B 337 32.53 -3.67 -17.07
N ARG B 338 33.27 -2.69 -17.57
CA ARG B 338 33.33 -2.46 -19.02
C ARG B 338 33.93 -3.71 -19.67
N HIS B 339 35.02 -4.21 -19.11
CA HIS B 339 35.65 -5.40 -19.64
C HIS B 339 34.69 -6.60 -19.76
N THR B 340 33.87 -6.85 -18.73
CA THR B 340 32.96 -8.00 -18.74
C THR B 340 31.88 -7.88 -19.82
N LEU B 341 31.65 -6.64 -20.27
CA LEU B 341 30.66 -6.34 -21.30
C LEU B 341 31.21 -6.31 -22.73
N LYS B 342 32.52 -6.51 -22.89
CA LYS B 342 33.16 -6.46 -24.23
C LYS B 342 32.55 -7.42 -25.29
N ASP B 343 32.24 -8.64 -24.87
CA ASP B 343 31.65 -9.65 -25.76
C ASP B 343 30.14 -9.85 -25.50
N VAL B 344 29.48 -8.79 -25.05
CA VAL B 344 28.03 -8.75 -24.95
C VAL B 344 27.57 -7.79 -26.04
N PRO B 345 27.12 -8.32 -27.19
CA PRO B 345 26.81 -7.43 -28.30
C PRO B 345 25.68 -6.47 -27.94
N ALA B 346 24.71 -6.94 -27.18
CA ALA B 346 23.52 -6.14 -26.91
C ALA B 346 23.56 -5.64 -25.48
N SER B 347 24.09 -4.43 -25.31
CA SER B 347 24.23 -3.84 -23.98
C SER B 347 24.19 -2.31 -24.00
N PHE B 348 23.77 -1.75 -22.87
CA PHE B 348 23.62 -0.31 -22.68
C PHE B 348 24.13 0.00 -21.27
N ALA B 349 25.31 0.60 -21.19
CA ALA B 349 26.02 0.80 -19.93
C ALA B 349 26.54 2.21 -19.78
N PRO B 350 25.72 3.14 -19.25
CA PRO B 350 26.15 4.52 -19.01
C PRO B 350 27.07 4.62 -17.82
N ALA B 351 27.96 5.63 -17.84
CA ALA B 351 28.84 5.87 -16.73
C ALA B 351 28.17 6.78 -15.72
N CYS B 352 27.20 6.22 -14.99
CA CYS B 352 26.48 6.92 -13.95
C CYS B 352 26.50 6.13 -12.67
N LEU B 353 26.30 6.84 -11.56
CA LEU B 353 26.04 6.24 -10.27
C LEU B 353 24.54 6.24 -10.10
N SER B 354 23.93 5.06 -10.23
CA SER B 354 22.49 4.90 -10.09
C SER B 354 22.10 3.43 -9.91
N HIS B 355 20.80 3.16 -9.94
CA HIS B 355 20.25 1.83 -9.68
C HIS B 355 18.93 1.64 -10.41
N GLU B 356 18.86 0.63 -11.28
CA GLU B 356 17.64 0.32 -12.05
C GLU B 356 17.29 1.40 -13.08
N ILE B 357 16.50 1.06 -14.09
CA ILE B 357 16.05 2.09 -15.04
C ILE B 357 14.80 1.76 -15.87
N ILE B 358 14.61 0.49 -16.22
CA ILE B 358 13.70 0.16 -17.32
C ILE B 358 12.24 0.43 -17.04
N ILE B 359 11.84 0.39 -15.77
CA ILE B 359 10.48 0.83 -15.41
C ILE B 359 10.46 2.21 -14.74
N ARG B 360 11.56 2.96 -14.85
CA ARG B 360 11.54 4.34 -14.37
C ARG B 360 11.00 5.27 -15.44
N SER B 361 10.17 6.23 -15.04
CA SER B 361 9.55 7.17 -15.98
C SER B 361 10.57 7.93 -16.84
N HIS B 362 11.72 8.25 -16.26
CA HIS B 362 12.76 9.00 -16.96
C HIS B 362 13.76 8.12 -17.71
N TRP B 363 13.37 6.87 -17.98
CA TRP B 363 14.26 5.95 -18.70
C TRP B 363 14.53 6.39 -20.13
N THR B 364 13.75 7.36 -20.63
CA THR B 364 13.91 7.90 -22.00
C THR B 364 15.00 8.98 -22.11
N ASP B 365 15.52 9.44 -20.98
CA ASP B 365 16.42 10.61 -20.94
C ASP B 365 17.90 10.28 -21.07
N VAL B 366 18.34 9.16 -20.50
CA VAL B 366 19.75 8.75 -20.57
C VAL B 366 20.17 8.39 -21.99
N GLN B 367 21.38 8.80 -22.35
CA GLN B 367 21.92 8.58 -23.68
C GLN B 367 23.33 8.08 -23.58
N VAL B 368 23.68 7.16 -24.47
CA VAL B 368 25.06 6.73 -24.64
C VAL B 368 25.44 6.90 -26.11
N LYS B 369 26.47 7.72 -26.34
CA LYS B 369 26.94 8.03 -27.70
C LYS B 369 25.82 8.49 -28.63
N GLY B 370 24.93 9.34 -28.13
CA GLY B 370 23.80 9.88 -28.90
C GLY B 370 22.56 9.00 -28.99
N THR B 371 22.64 7.80 -28.41
CA THR B 371 21.55 6.83 -28.50
C THR B 371 20.88 6.60 -27.14
N SER B 372 19.55 6.66 -27.15
CA SER B 372 18.73 6.42 -25.97
C SER B 372 18.51 4.93 -25.78
N LEU B 373 18.14 4.55 -24.56
CA LEU B 373 17.83 3.16 -24.23
C LEU B 373 16.61 2.64 -25.01
N PRO B 374 15.52 3.42 -25.08
CA PRO B 374 14.40 2.93 -25.91
C PRO B 374 14.83 2.62 -27.34
N ARG B 375 15.58 3.53 -27.97
CA ARG B 375 16.14 3.31 -29.31
C ARG B 375 17.05 2.10 -29.36
N ALA B 376 18.01 2.02 -28.44
CA ALA B 376 18.91 0.86 -28.32
C ALA B 376 18.16 -0.46 -28.31
N LEU B 377 17.05 -0.51 -27.56
CA LEU B 377 16.22 -1.70 -27.53
C LEU B 377 15.50 -1.97 -28.86
N HIS B 378 14.93 -0.91 -29.43
CA HIS B 378 14.32 -1.02 -30.76
C HIS B 378 15.30 -1.60 -31.79
N CYS B 379 16.53 -1.09 -31.78
CA CYS B 379 17.60 -1.55 -32.68
C CYS B 379 17.88 -3.03 -32.48
N TRP B 380 17.94 -3.46 -31.22
CA TRP B 380 18.11 -4.88 -30.88
C TRP B 380 16.97 -5.73 -31.43
N ASP B 381 15.75 -5.22 -31.33
CA ASP B 381 14.57 -5.84 -31.95
C ASP B 381 14.70 -6.03 -33.45
N ARG B 382 15.30 -5.02 -34.10
CA ARG B 382 15.56 -5.07 -35.52
C ARG B 382 16.61 -6.14 -35.80
N SER B 383 17.71 -6.10 -35.06
CA SER B 383 18.82 -7.03 -35.24
C SER B 383 18.36 -8.49 -35.26
N LEU B 384 17.30 -8.77 -34.52
CA LEU B 384 16.73 -10.11 -34.43
C LEU B 384 15.56 -10.25 -35.41
N CYS B 398 21.88 1.89 -36.47
CA CYS B 398 21.09 1.45 -35.32
C CYS B 398 21.96 0.66 -34.34
N PRO B 399 22.80 1.38 -33.57
CA PRO B 399 23.80 0.74 -32.71
C PRO B 399 23.20 -0.03 -31.53
N VAL B 400 23.85 -1.12 -31.17
CA VAL B 400 23.33 -2.01 -30.13
C VAL B 400 24.34 -2.17 -28.98
N HIS B 401 25.64 -2.02 -29.27
CA HIS B 401 26.69 -2.08 -28.26
C HIS B 401 27.06 -0.68 -27.75
N LEU B 402 26.45 -0.29 -26.62
CA LEU B 402 26.59 1.08 -26.12
C LEU B 402 27.13 1.14 -24.70
N VAL B 403 28.45 1.24 -24.60
CA VAL B 403 29.15 1.21 -23.33
C VAL B 403 30.02 2.47 -23.21
N ASP B 404 29.82 3.26 -22.15
CA ASP B 404 30.67 4.43 -21.88
C ASP B 404 32.12 4.02 -21.62
N SER B 405 33.05 4.86 -22.10
CA SER B 405 34.49 4.60 -21.93
C SER B 405 35.19 5.41 -20.81
N CYS B 406 34.56 6.49 -20.35
N CYS B 406 34.52 6.48 -20.35
CA CYS B 406 35.09 7.25 -19.21
CA CYS B 406 34.96 7.26 -19.20
C CYS B 406 34.58 6.68 -17.90
C CYS B 406 34.51 6.60 -17.89
N PRO B 407 35.45 5.96 -17.16
CA PRO B 407 35.04 5.26 -15.93
C PRO B 407 34.98 6.16 -14.69
N TRP B 408 34.25 7.26 -14.78
CA TRP B 408 33.88 8.02 -13.58
C TRP B 408 32.38 8.32 -13.54
N PRO B 409 31.74 8.07 -12.37
CA PRO B 409 30.33 8.43 -12.19
C PRO B 409 30.05 9.88 -12.58
N HIS B 410 29.14 10.04 -13.53
CA HIS B 410 28.70 11.33 -14.09
C HIS B 410 29.54 11.93 -15.24
N CYS B 411 30.49 11.17 -15.78
CA CYS B 411 31.21 11.60 -16.97
CA CYS B 411 31.20 11.61 -16.99
C CYS B 411 30.17 11.83 -18.08
N ASN B 412 29.13 11.00 -18.09
CA ASN B 412 27.99 11.11 -19.00
C ASN B 412 27.06 12.22 -18.50
N PRO B 413 26.73 13.19 -19.37
CA PRO B 413 25.96 14.38 -18.96
C PRO B 413 24.47 14.11 -18.78
N SER B 414 23.97 13.02 -19.37
CA SER B 414 22.54 12.70 -19.30
C SER B 414 22.18 11.78 -18.12
N CYS B 415 23.11 11.62 -17.18
CA CYS B 415 22.86 10.77 -16.00
C CYS B 415 21.68 11.27 -15.17
N PRO B 416 20.91 10.33 -14.59
CA PRO B 416 19.75 10.73 -13.79
C PRO B 416 20.17 11.54 -12.56
N THR B 417 19.33 12.51 -12.19
CA THR B 417 19.60 13.37 -11.04
C THR B 417 18.54 13.19 -9.97
#